data_8B9J
#
_entry.id   8B9J
#
_cell.length_a   1.00
_cell.length_b   1.00
_cell.length_c   1.00
_cell.angle_alpha   90.00
_cell.angle_beta   90.00
_cell.angle_gamma   90.00
#
_symmetry.space_group_name_H-M   'P 1'
#
loop_
_entity.id
_entity.type
_entity.pdbx_description
1 polymer 'Dosage compensation regulator'
2 non-polymer "ADENOSINE-5'-DIPHOSPHATE"
3 non-polymer 'TETRAFLUOROALUMINATE ION'
4 non-polymer 'MAGNESIUM ION'
#
_entity_poly.entity_id   1
_entity_poly.type   'polypeptide(L)'
_entity_poly.pdbx_seq_one_letter_code
;MDIKSFLYQFCAKSQIEPKFDIRQTGPKNRQRFLCEVRVEPNTYIGVGNSTNKKDAEKNACRDFVNYLVRVGKLNTNDVP
ADAGASGGGPRTGLEGAGMAGGSGQQKRVFDGQSGPQDLGEAYRPLNHDGGDGGNRYSVIDRIQEQRDMNEAEAFDVNAA
IHGNWTIENAKERLNIYKQTNNIRDDYKYTPVGPEHARSFLAELSIYVPALNRTVTARESGSNKKSASKSCALSLVRQLF
HLNVIEPFSGTLKKKKDEQLKPYPVKLSPNLINKIDEVIKGLDLPVVNPRNIKIELDGPPIPLIVNLSRIDSSQQDGEKR
QESSVIPWAPPQANWNTWHACNIDEGELATTSIDDLSMDYERSLRDRRQNDNEYRQFLEFREKLPIAAMRSEILTAINDN
PVVIIRGNTGCGKTTQIAQYILDDYICSGQGGYANIYVTQPRRISAISVAERVARERCEQLGDTVGYSVRFESVFPRPYG
AILFCTVGVLLRKLEAGLRGVSHIIVDEIHERDVNSDFLLVILRDMVDTYPDLHVILMSATIDTTKFSKYFGICPVLEVP
GRAFPVQQFFLEDIIQMTDFVPSAESRRKRKEVEDEEQLLSEDKDEAEINYNKVCEDKYSQKTRNAMAMLSESDVSFELL
EALLMHIKSKNIPGAILVFLPGWNLIFALMKFLQNTNIFGDTSQYQILPCHSQIPRDEQRKVFEPVPEGVTKIILSTNIA
ETSITIDDIVFVIDICKARMKLFTSHNNLTSYATVWASKTNLEQRKGRAGRVRPGFCFTLCSRARFQALEDNLTPEMFRT
PLHEMALTIKLLRLGSIHHFLSKALEPPPVDAVIEAEVLLREMRCLDANDELTPLGRLLARLPIEPRLGKMMVLGAVFGC
ADLMAIMASYSSTFSEVFSLDIGQRRLANHQKALSGTKCSDHVAMIVASQMWRREKQRGEHMEARFCDWKGLQMSTMNVI
WDAKQQLLDLLQQAGFPEECMISHEVDERIDGDDPVLDVSLALLCLGLYPNICVHKEKRKVLTTESKAALLHKTSVNCSN
LAVTFPYPFFVFGEKIRTRAVSCKQLSMVSPLQVILFGSRKIDLAANNIVRVDNWLNFDIEPELAAKIGALKPALEDLIT
VACDNPSDILRLEEPYAQLVKVVKDLCVKSAGDFGLQRE
;
_entity_poly.pdbx_strand_id   A
#
loop_
_chem_comp.id
_chem_comp.type
_chem_comp.name
_chem_comp.formula
ADP non-polymer ADENOSINE-5'-DIPHOSPHATE 'C10 H15 N5 O10 P2'
ALF non-polymer 'TETRAFLUOROALUMINATE ION' 'Al F4 -1'
MG non-polymer 'MAGNESIUM ION' 'Mg 2'
#
# COMPACT_ATOMS: atom_id res chain seq x y z
N ASP A 257 -6.97 -13.52 38.59
CA ASP A 257 -6.28 -13.05 37.40
C ASP A 257 -7.13 -13.24 36.15
N GLU A 258 -8.37 -13.66 36.35
CA GLU A 258 -9.33 -13.89 35.27
C GLU A 258 -8.76 -14.89 34.26
N GLN A 259 -8.51 -16.11 34.73
CA GLN A 259 -7.97 -17.16 33.88
C GLN A 259 -8.95 -17.49 32.76
N LEU A 260 -8.43 -17.63 31.55
CA LEU A 260 -9.26 -17.95 30.40
C LEU A 260 -9.75 -19.39 30.47
N LYS A 261 -11.03 -19.59 30.22
CA LYS A 261 -11.61 -20.93 30.24
C LYS A 261 -11.24 -21.66 28.95
N PRO A 262 -10.65 -22.85 29.02
CA PRO A 262 -10.25 -23.55 27.80
C PRO A 262 -11.45 -23.92 26.94
N TYR A 263 -11.26 -23.89 25.63
CA TYR A 263 -12.31 -24.24 24.70
C TYR A 263 -12.41 -25.75 24.57
N PRO A 264 -13.57 -26.34 24.84
CA PRO A 264 -13.72 -27.79 24.65
C PRO A 264 -13.61 -28.16 23.17
N VAL A 265 -12.89 -29.23 22.88
CA VAL A 265 -12.68 -29.68 21.52
C VAL A 265 -12.27 -31.15 21.54
N LYS A 266 -12.85 -31.92 20.63
CA LYS A 266 -12.52 -33.33 20.44
C LYS A 266 -12.63 -33.67 18.96
N LEU A 267 -11.96 -34.75 18.57
CA LEU A 267 -12.04 -35.26 17.22
C LEU A 267 -12.41 -36.74 17.23
N SER A 268 -13.04 -37.18 16.15
CA SER A 268 -13.52 -38.55 16.05
C SER A 268 -12.34 -39.53 15.97
N PRO A 269 -12.54 -40.78 16.40
CA PRO A 269 -11.45 -41.76 16.32
C PRO A 269 -10.93 -42.00 14.91
N ASN A 270 -11.78 -41.90 13.90
CA ASN A 270 -11.31 -42.06 12.52
C ASN A 270 -10.31 -40.98 12.15
N LEU A 271 -10.56 -39.74 12.58
CA LEU A 271 -9.64 -38.66 12.26
C LEU A 271 -8.28 -38.88 12.91
N ILE A 272 -8.26 -39.30 14.18
CA ILE A 272 -6.98 -39.53 14.84
C ILE A 272 -6.28 -40.76 14.26
N ASN A 273 -7.05 -41.74 13.80
CA ASN A 273 -6.46 -42.88 13.11
C ASN A 273 -5.78 -42.44 11.82
N LYS A 274 -6.45 -41.57 11.06
CA LYS A 274 -5.81 -41.00 9.87
C LYS A 274 -4.56 -40.22 10.24
N ILE A 275 -4.60 -39.50 11.36
CA ILE A 275 -3.44 -38.74 11.81
C ILE A 275 -2.26 -39.66 12.07
N ASP A 276 -2.47 -40.75 12.82
CA ASP A 276 -1.34 -41.61 13.13
C ASP A 276 -0.85 -42.36 11.91
N GLU A 277 -1.76 -42.73 11.00
CA GLU A 277 -1.32 -43.41 9.78
C GLU A 277 -0.48 -42.47 8.91
N VAL A 278 -0.86 -41.19 8.82
CA VAL A 278 -0.09 -40.27 8.00
C VAL A 278 1.24 -39.93 8.68
N ILE A 279 1.26 -39.87 10.01
CA ILE A 279 2.52 -39.57 10.69
C ILE A 279 3.45 -40.77 10.63
N LYS A 280 2.91 -41.97 10.51
CA LYS A 280 3.74 -43.15 10.29
C LYS A 280 4.25 -43.22 8.86
N GLY A 281 3.41 -42.85 7.88
CA GLY A 281 3.87 -42.82 6.50
C GLY A 281 4.95 -41.78 6.28
N LEU A 282 4.78 -40.59 6.86
CA LEU A 282 5.80 -39.55 6.77
C LEU A 282 7.02 -39.87 7.62
N ASP A 283 6.83 -40.56 8.75
CA ASP A 283 7.90 -40.92 9.66
C ASP A 283 8.63 -39.66 10.17
N LEU A 284 7.87 -38.80 10.85
CA LEU A 284 8.39 -37.58 11.43
C LEU A 284 8.66 -37.76 12.92
N PRO A 285 9.70 -37.11 13.45
CA PRO A 285 9.95 -37.20 14.90
C PRO A 285 8.83 -36.59 15.72
N VAL A 286 8.32 -37.34 16.68
CA VAL A 286 7.21 -36.88 17.53
C VAL A 286 7.71 -36.67 18.95
N VAL A 287 6.89 -36.04 19.78
CA VAL A 287 7.21 -35.76 21.17
C VAL A 287 6.05 -36.26 22.04
N ASN A 288 6.26 -36.24 23.35
CA ASN A 288 5.21 -36.67 24.29
C ASN A 288 4.89 -35.55 25.27
N LEU A 303 6.87 -28.74 22.83
CA LEU A 303 6.31 -29.87 22.09
C LEU A 303 6.63 -29.78 20.61
N ILE A 304 7.51 -28.83 20.26
CA ILE A 304 7.92 -28.60 18.88
C ILE A 304 9.43 -28.78 18.79
N VAL A 305 9.88 -29.56 17.82
CA VAL A 305 11.30 -29.82 17.63
C VAL A 305 11.77 -29.24 16.30
N GLU A 322 28.36 -12.38 -2.57
CA GLU A 322 28.37 -11.02 -2.02
C GLU A 322 28.01 -9.98 -3.08
N SER A 323 28.49 -8.75 -2.89
CA SER A 323 28.16 -7.63 -3.78
C SER A 323 28.49 -7.96 -5.23
N SER A 324 27.54 -7.70 -6.13
CA SER A 324 27.69 -8.03 -7.54
C SER A 324 27.57 -6.81 -8.45
N VAL A 325 27.49 -5.60 -7.88
CA VAL A 325 27.26 -4.31 -8.53
C VAL A 325 26.58 -4.49 -9.88
N ILE A 326 25.25 -4.37 -9.88
CA ILE A 326 24.38 -4.65 -11.02
C ILE A 326 24.98 -4.18 -12.33
N PRO A 327 25.10 -5.05 -13.33
CA PRO A 327 25.87 -4.70 -14.53
C PRO A 327 25.25 -3.55 -15.30
N TRP A 328 26.13 -2.78 -15.95
CA TRP A 328 25.72 -1.65 -16.78
C TRP A 328 26.64 -1.61 -17.99
N ALA A 329 26.11 -1.11 -19.10
CA ALA A 329 26.87 -1.03 -20.34
C ALA A 329 26.32 0.11 -21.17
N PRO A 330 27.15 0.74 -22.00
CA PRO A 330 26.67 1.82 -22.87
C PRO A 330 25.67 1.28 -23.88
N PRO A 331 24.85 2.16 -24.48
CA PRO A 331 23.87 1.69 -25.47
C PRO A 331 24.54 0.92 -26.59
N GLN A 332 23.93 -0.19 -26.97
CA GLN A 332 24.51 -1.13 -27.92
C GLN A 332 23.42 -1.60 -28.87
N ALA A 333 23.78 -1.76 -30.15
CA ALA A 333 22.81 -2.21 -31.14
C ALA A 333 22.36 -3.63 -30.83
N ASN A 334 21.19 -3.98 -31.38
CA ASN A 334 20.57 -5.30 -31.16
C ASN A 334 20.32 -5.53 -29.67
N TRP A 335 19.91 -4.49 -28.96
CA TRP A 335 19.64 -4.57 -27.54
C TRP A 335 18.44 -3.70 -27.20
N ASN A 336 17.49 -4.27 -26.47
CA ASN A 336 16.30 -3.56 -26.00
C ASN A 336 16.50 -3.25 -24.52
N THR A 337 16.75 -1.98 -24.21
CA THR A 337 17.17 -1.61 -22.86
C THR A 337 16.06 -1.88 -21.84
N TRP A 338 14.81 -1.59 -22.19
CA TRP A 338 13.73 -1.69 -21.22
C TRP A 338 13.42 -3.14 -20.86
N HIS A 339 13.43 -4.03 -21.86
CA HIS A 339 13.21 -5.44 -21.59
C HIS A 339 14.50 -6.21 -21.30
N ALA A 340 15.66 -5.57 -21.47
CA ALA A 340 16.96 -6.17 -21.15
C ALA A 340 17.17 -7.50 -21.88
N CYS A 341 16.94 -7.47 -23.20
CA CYS A 341 17.13 -8.66 -24.03
C CYS A 341 17.40 -8.21 -25.45
N ASN A 342 18.10 -9.06 -26.21
CA ASN A 342 18.37 -8.75 -27.60
C ASN A 342 17.07 -8.70 -28.40
N ILE A 343 16.99 -7.74 -29.33
CA ILE A 343 15.76 -7.55 -30.08
C ILE A 343 15.57 -8.68 -31.08
N ASP A 344 16.48 -8.77 -32.06
CA ASP A 344 16.48 -9.84 -33.06
C ASP A 344 15.11 -10.01 -33.70
N GLU A 345 14.69 -8.97 -34.42
CA GLU A 345 13.37 -8.94 -35.04
C GLU A 345 13.52 -8.35 -36.44
N GLY A 346 12.39 -7.99 -37.04
CA GLY A 346 12.40 -7.52 -38.42
C GLY A 346 13.26 -6.29 -38.64
N GLU A 347 13.24 -5.36 -37.69
CA GLU A 347 14.04 -4.15 -37.78
C GLU A 347 14.95 -4.09 -36.56
N LEU A 348 15.75 -3.02 -36.47
CA LEU A 348 16.74 -2.84 -35.41
C LEU A 348 17.75 -3.98 -35.39
N ALA A 349 18.04 -4.54 -36.56
CA ALA A 349 19.02 -5.61 -36.71
C ALA A 349 20.22 -5.20 -37.53
N THR A 350 20.00 -4.66 -38.73
CA THR A 350 21.07 -4.21 -39.60
C THR A 350 21.26 -2.70 -39.57
N THR A 351 20.69 -2.03 -38.58
CA THR A 351 20.75 -0.57 -38.47
C THR A 351 21.62 -0.19 -37.27
N SER A 352 22.63 0.64 -37.52
CA SER A 352 23.51 1.10 -36.46
C SER A 352 22.83 2.22 -35.67
N ILE A 353 23.43 2.53 -34.52
CA ILE A 353 22.86 3.55 -33.64
C ILE A 353 22.89 4.92 -34.31
N ASP A 354 23.93 5.19 -35.10
CA ASP A 354 24.08 6.51 -35.72
C ASP A 354 22.94 6.80 -36.68
N ASP A 355 22.50 5.79 -37.44
CA ASP A 355 21.37 6.00 -38.35
C ASP A 355 20.11 6.36 -37.57
N LEU A 356 19.87 5.68 -36.45
CA LEU A 356 18.72 6.00 -35.61
C LEU A 356 18.84 7.40 -35.03
N SER A 357 20.05 7.81 -34.64
CA SER A 357 20.25 9.16 -34.12
C SER A 357 19.93 10.20 -35.19
N MET A 358 20.38 9.96 -36.41
CA MET A 358 20.07 10.88 -37.51
C MET A 358 18.57 10.92 -37.78
N ASP A 359 17.91 9.76 -37.73
CA ASP A 359 16.47 9.72 -37.93
C ASP A 359 15.75 10.51 -36.86
N TYR A 360 16.17 10.35 -35.60
CA TYR A 360 15.55 11.10 -34.50
C TYR A 360 15.76 12.60 -34.67
N GLU A 361 16.96 13.01 -35.07
CA GLU A 361 17.24 14.42 -35.28
C GLU A 361 16.37 15.00 -36.39
N ARG A 362 16.28 14.29 -37.52
CA ARG A 362 15.46 14.78 -38.63
C ARG A 362 13.99 14.84 -38.24
N SER A 363 13.50 13.84 -37.50
CA SER A 363 12.12 13.87 -37.05
C SER A 363 11.87 15.03 -36.10
N LEU A 364 12.82 15.31 -35.22
CA LEU A 364 12.67 16.44 -34.30
C LEU A 364 12.60 17.76 -35.05
N ARG A 365 13.48 17.93 -36.05
CA ARG A 365 13.42 19.16 -36.85
C ARG A 365 12.11 19.26 -37.62
N ASP A 366 11.63 18.13 -38.16
CA ASP A 366 10.36 18.14 -38.88
C ASP A 366 9.22 18.56 -37.95
N ARG A 367 9.19 17.99 -36.74
CA ARG A 367 8.14 18.35 -35.78
C ARG A 367 8.23 19.80 -35.38
N ARG A 368 9.45 20.32 -35.21
CA ARG A 368 9.63 21.73 -34.86
C ARG A 368 9.12 22.64 -35.97
N GLN A 369 9.41 22.28 -37.22
CA GLN A 369 9.09 23.16 -38.35
C GLN A 369 7.72 22.91 -38.96
N ASN A 370 6.97 21.92 -38.48
CA ASN A 370 5.67 21.60 -39.08
C ASN A 370 4.51 21.58 -38.10
N ASP A 371 4.76 21.50 -36.79
CA ASP A 371 3.69 21.35 -35.82
C ASP A 371 3.50 22.67 -35.06
N ASN A 372 2.30 23.24 -35.16
CA ASN A 372 1.99 24.47 -34.43
C ASN A 372 1.76 24.19 -32.96
N GLU A 373 1.15 23.04 -32.64
CA GLU A 373 0.96 22.66 -31.24
C GLU A 373 2.30 22.52 -30.54
N TYR A 374 3.29 21.95 -31.23
CA TYR A 374 4.63 21.85 -30.65
C TYR A 374 5.23 23.23 -30.41
N ARG A 375 4.99 24.17 -31.34
CA ARG A 375 5.48 25.53 -31.13
C ARG A 375 4.85 26.18 -29.91
N GLN A 376 3.53 26.01 -29.74
CA GLN A 376 2.87 26.57 -28.56
C GLN A 376 3.39 25.94 -27.28
N PHE A 377 3.62 24.61 -27.30
CA PHE A 377 4.14 23.95 -26.11
C PHE A 377 5.57 24.39 -25.80
N LEU A 378 6.38 24.62 -26.83
CA LEU A 378 7.71 25.18 -26.60
C LEU A 378 7.63 26.58 -26.00
N GLU A 379 6.69 27.39 -26.49
CA GLU A 379 6.51 28.71 -25.92
C GLU A 379 6.11 28.62 -24.45
N PHE A 380 5.23 27.69 -24.10
CA PHE A 380 4.86 27.50 -22.71
C PHE A 380 6.03 27.02 -21.87
N ARG A 381 6.83 26.09 -22.40
CA ARG A 381 7.96 25.56 -21.64
C ARG A 381 9.04 26.60 -21.43
N GLU A 382 9.19 27.54 -22.37
CA GLU A 382 10.22 28.56 -22.24
C GLU A 382 9.91 29.60 -21.17
N LYS A 383 8.70 29.60 -20.62
CA LYS A 383 8.32 30.57 -19.60
C LYS A 383 8.51 30.05 -18.18
N LEU A 384 8.71 28.74 -18.00
CA LEU A 384 8.93 28.21 -16.67
C LEU A 384 10.28 28.66 -16.12
N PRO A 385 10.41 28.75 -14.79
CA PRO A 385 11.71 29.15 -14.22
C PRO A 385 12.85 28.23 -14.62
N ILE A 386 12.58 26.93 -14.75
CA ILE A 386 13.62 25.97 -15.09
C ILE A 386 14.32 26.35 -16.39
N ALA A 387 13.58 26.93 -17.34
CA ALA A 387 14.19 27.32 -18.61
C ALA A 387 15.31 28.32 -18.40
N ALA A 388 15.11 29.27 -17.46
CA ALA A 388 16.14 30.27 -17.19
C ALA A 388 17.44 29.64 -16.73
N MET A 389 17.40 28.41 -16.20
CA MET A 389 18.61 27.71 -15.78
C MET A 389 18.92 26.52 -16.69
N ARG A 390 18.11 26.29 -17.72
CA ARG A 390 18.18 25.05 -18.50
C ARG A 390 19.61 24.71 -18.89
N SER A 391 20.25 25.58 -19.66
CA SER A 391 21.62 25.30 -20.12
C SER A 391 22.53 24.99 -18.95
N GLU A 392 22.49 25.84 -17.92
CA GLU A 392 23.32 25.61 -16.73
C GLU A 392 23.12 24.20 -16.21
N ILE A 393 21.86 23.78 -16.07
CA ILE A 393 21.58 22.45 -15.56
C ILE A 393 22.30 21.40 -16.38
N LEU A 394 22.16 21.49 -17.71
CA LEU A 394 22.78 20.51 -18.59
C LEU A 394 24.28 20.44 -18.34
N THR A 395 24.92 21.59 -18.18
CA THR A 395 26.37 21.61 -17.97
C THR A 395 26.75 20.73 -16.79
N ALA A 396 26.02 20.88 -15.67
CA ALA A 396 26.33 20.07 -14.50
C ALA A 396 26.17 18.59 -14.83
N ILE A 397 25.07 18.23 -15.49
CA ILE A 397 24.85 16.83 -15.83
C ILE A 397 25.90 16.36 -16.82
N ASN A 398 26.46 17.26 -17.61
CA ASN A 398 27.50 16.89 -18.56
C ASN A 398 28.88 16.82 -17.93
N ASP A 399 29.02 17.24 -16.67
CA ASP A 399 30.33 17.25 -16.02
C ASP A 399 30.38 16.35 -14.80
N ASN A 400 29.34 16.37 -13.97
CA ASN A 400 29.34 15.56 -12.77
C ASN A 400 28.40 14.37 -12.92
N PRO A 401 28.86 13.17 -12.53
CA PRO A 401 27.98 11.99 -12.67
C PRO A 401 26.72 12.08 -11.84
N VAL A 402 26.76 12.71 -10.67
CA VAL A 402 25.60 12.86 -9.81
C VAL A 402 25.40 14.33 -9.51
N VAL A 403 24.17 14.82 -9.66
CA VAL A 403 23.85 16.23 -9.44
C VAL A 403 22.47 16.29 -8.79
N ILE A 404 22.36 17.00 -7.67
CA ILE A 404 21.10 17.19 -6.99
C ILE A 404 20.49 18.49 -7.46
N ILE A 405 19.18 18.48 -7.69
CA ILE A 405 18.46 19.66 -8.18
C ILE A 405 17.44 20.02 -7.11
N ARG A 406 17.76 21.01 -6.29
CA ARG A 406 16.87 21.48 -5.23
C ARG A 406 16.05 22.66 -5.72
N GLY A 407 14.74 22.57 -5.56
CA GLY A 407 13.86 23.64 -6.00
C GLY A 407 12.47 23.44 -5.46
N ASN A 408 11.64 24.48 -5.67
CA ASN A 408 10.26 24.43 -5.21
C ASN A 408 9.44 23.45 -6.03
N THR A 409 8.46 22.84 -5.38
CA THR A 409 7.55 21.95 -6.10
C THR A 409 6.73 22.73 -7.10
N GLY A 410 6.44 22.11 -8.24
CA GLY A 410 5.69 22.78 -9.28
C GLY A 410 6.49 23.75 -10.12
N CYS A 411 7.81 23.81 -9.93
CA CYS A 411 8.65 24.71 -10.71
C CYS A 411 9.15 24.07 -12.00
N GLY A 412 8.81 22.82 -12.26
CA GLY A 412 9.22 22.19 -13.51
C GLY A 412 10.51 21.41 -13.44
N LYS A 413 10.60 20.44 -12.53
CA LYS A 413 11.79 19.60 -12.44
C LYS A 413 11.61 18.25 -13.11
N THR A 414 10.63 17.45 -12.67
CA THR A 414 10.45 16.14 -13.27
C THR A 414 9.89 16.22 -14.68
N THR A 415 9.08 17.23 -14.94
CA THR A 415 8.44 17.44 -16.23
C THR A 415 9.40 18.06 -17.24
N GLN A 416 10.50 18.65 -16.78
CA GLN A 416 11.38 19.41 -17.68
C GLN A 416 12.80 18.86 -17.81
N ILE A 417 13.35 18.29 -16.73
CA ILE A 417 14.77 17.92 -16.74
C ILE A 417 15.02 16.75 -17.69
N ALA A 418 14.15 15.74 -17.64
CA ALA A 418 14.31 14.59 -18.53
C ALA A 418 14.19 15.01 -19.99
N GLN A 419 13.22 15.87 -20.31
CA GLN A 419 13.08 16.35 -21.67
C GLN A 419 14.28 17.19 -22.09
N TYR A 420 14.82 18.00 -21.17
CA TYR A 420 16.01 18.78 -21.50
C TYR A 420 17.18 17.88 -21.86
N ILE A 421 17.41 16.85 -21.04
CA ILE A 421 18.52 15.93 -21.31
C ILE A 421 18.31 15.22 -22.64
N LEU A 422 17.09 14.74 -22.88
CA LEU A 422 16.82 13.99 -24.11
C LEU A 422 16.98 14.86 -25.34
N ASP A 423 16.44 16.08 -25.30
CA ASP A 423 16.58 16.97 -26.45
C ASP A 423 18.02 17.39 -26.68
N ASP A 424 18.79 17.61 -25.60
CA ASP A 424 20.20 17.92 -25.77
C ASP A 424 20.93 16.77 -26.46
N TYR A 425 20.66 15.53 -26.01
CA TYR A 425 21.35 14.39 -26.61
C TYR A 425 20.93 14.19 -28.07
N ILE A 426 19.65 14.43 -28.39
CA ILE A 426 19.20 14.27 -29.76
C ILE A 426 19.81 15.34 -30.66
N CYS A 427 19.78 16.61 -30.22
CA CYS A 427 20.30 17.69 -31.03
C CYS A 427 21.82 17.71 -31.08
N SER A 428 22.49 16.96 -30.19
CA SER A 428 23.94 16.87 -30.21
C SER A 428 24.46 15.81 -31.18
N GLY A 429 23.57 15.14 -31.90
CA GLY A 429 23.97 14.07 -32.80
C GLY A 429 24.12 12.72 -32.15
N GLN A 430 23.76 12.59 -30.87
CA GLN A 430 23.85 11.35 -30.12
C GLN A 430 22.48 10.93 -29.61
N GLY A 431 21.47 11.01 -30.48
CA GLY A 431 20.11 10.73 -30.03
C GLY A 431 19.89 9.31 -29.56
N GLY A 432 20.57 8.35 -30.19
CA GLY A 432 20.40 6.96 -29.80
C GLY A 432 21.15 6.55 -28.55
N TYR A 433 22.00 7.42 -28.02
CA TYR A 433 22.81 7.10 -26.86
C TYR A 433 22.14 7.49 -25.55
N ALA A 434 20.90 7.95 -25.60
CA ALA A 434 20.19 8.42 -24.41
C ALA A 434 19.15 7.41 -23.99
N ASN A 435 19.03 7.22 -22.67
CA ASN A 435 17.99 6.37 -22.09
C ASN A 435 17.78 6.85 -20.66
N ILE A 436 16.59 7.36 -20.37
CA ILE A 436 16.33 8.07 -19.14
C ILE A 436 15.26 7.32 -18.35
N TYR A 437 15.65 6.75 -17.21
CA TYR A 437 14.70 6.30 -16.21
C TYR A 437 14.33 7.47 -15.33
N VAL A 438 13.06 7.57 -14.95
CA VAL A 438 12.60 8.60 -14.03
C VAL A 438 11.80 7.88 -12.94
N THR A 439 12.39 7.77 -11.75
CA THR A 439 11.77 7.02 -10.65
C THR A 439 10.93 7.99 -9.83
N GLN A 440 9.62 7.97 -10.08
CA GLN A 440 8.63 8.69 -9.29
C GLN A 440 8.25 7.88 -8.06
N PRO A 441 7.75 8.53 -7.01
CA PRO A 441 7.54 7.80 -5.74
C PRO A 441 6.31 6.90 -5.73
N ARG A 442 5.24 7.29 -6.42
CA ARG A 442 3.99 6.54 -6.38
C ARG A 442 3.47 6.28 -7.79
N ARG A 443 2.52 5.34 -7.89
CA ARG A 443 2.01 4.93 -9.19
C ARG A 443 1.29 6.09 -9.88
N ILE A 444 0.42 6.79 -9.16
CA ILE A 444 -0.37 7.85 -9.77
C ILE A 444 0.54 8.97 -10.27
N SER A 445 1.58 9.31 -9.49
CA SER A 445 2.52 10.33 -9.92
C SER A 445 3.21 9.93 -11.22
N ALA A 446 3.68 8.69 -11.30
CA ALA A 446 4.37 8.24 -12.50
C ALA A 446 3.45 8.27 -13.71
N ILE A 447 2.22 7.75 -13.56
CA ILE A 447 1.29 7.71 -14.68
C ILE A 447 0.95 9.11 -15.15
N SER A 448 0.60 9.99 -14.21
CA SER A 448 0.18 11.34 -14.57
C SER A 448 1.32 12.14 -15.20
N VAL A 449 2.52 12.04 -14.63
CA VAL A 449 3.65 12.78 -15.18
C VAL A 449 4.02 12.23 -16.56
N ALA A 450 3.92 10.92 -16.76
CA ALA A 450 4.19 10.35 -18.08
C ALA A 450 3.20 10.87 -19.11
N GLU A 451 1.92 10.90 -18.75
CA GLU A 451 0.91 11.41 -19.67
C GLU A 451 1.13 12.90 -19.95
N ARG A 452 1.51 13.67 -18.93
CA ARG A 452 1.75 15.10 -19.14
C ARG A 452 2.95 15.33 -20.05
N VAL A 453 4.03 14.57 -19.85
CA VAL A 453 5.20 14.71 -20.71
C VAL A 453 4.87 14.33 -22.14
N ALA A 454 4.09 13.26 -22.32
CA ALA A 454 3.67 12.89 -23.67
C ALA A 454 2.84 13.98 -24.30
N ARG A 455 1.95 14.60 -23.53
CA ARG A 455 1.14 15.70 -24.06
C ARG A 455 2.01 16.89 -24.46
N GLU A 456 3.05 17.17 -23.67
CA GLU A 456 3.90 18.32 -23.96
C GLU A 456 4.70 18.14 -25.24
N ARG A 457 4.91 16.90 -25.69
CA ARG A 457 5.64 16.63 -26.92
C ARG A 457 4.72 16.37 -28.10
N CYS A 458 3.42 16.60 -27.94
CA CYS A 458 2.43 16.47 -29.02
C CYS A 458 2.45 15.08 -29.65
N GLU A 459 2.50 14.05 -28.83
CA GLU A 459 2.45 12.68 -29.28
C GLU A 459 1.63 11.84 -28.30
N GLN A 460 1.72 10.52 -28.47
CA GLN A 460 1.04 9.57 -27.60
C GLN A 460 2.07 8.73 -26.85
N LEU A 461 1.59 8.02 -25.83
CA LEU A 461 2.46 7.19 -25.02
C LEU A 461 3.05 6.05 -25.86
N GLY A 462 4.28 5.67 -25.53
CA GLY A 462 4.91 4.51 -26.14
C GLY A 462 5.79 4.82 -27.33
N ASP A 463 5.91 6.08 -27.74
CA ASP A 463 6.80 6.42 -28.84
C ASP A 463 8.18 6.84 -28.33
N THR A 464 8.24 7.90 -27.53
CA THR A 464 9.48 8.30 -26.88
C THR A 464 9.33 8.45 -25.38
N VAL A 465 8.12 8.40 -24.84
CA VAL A 465 7.88 8.46 -23.40
C VAL A 465 6.88 7.38 -23.01
N GLY A 466 7.26 6.54 -22.05
CA GLY A 466 6.38 5.50 -21.55
C GLY A 466 6.43 5.44 -20.03
N TYR A 467 5.64 4.53 -19.48
CA TYR A 467 5.62 4.37 -18.04
C TYR A 467 5.58 2.89 -17.70
N SER A 468 5.97 2.58 -16.47
CA SER A 468 6.02 1.19 -16.01
C SER A 468 5.71 1.18 -14.51
N VAL A 469 4.44 0.96 -14.17
CA VAL A 469 4.01 0.85 -12.79
C VAL A 469 3.30 -0.49 -12.62
N ARG A 470 3.04 -0.84 -11.37
CA ARG A 470 2.38 -2.11 -11.09
C ARG A 470 1.04 -2.17 -11.81
N PHE A 471 0.76 -3.34 -12.39
CA PHE A 471 -0.45 -3.65 -13.16
C PHE A 471 -0.46 -3.00 -14.54
N GLU A 472 0.52 -2.14 -14.86
CA GLU A 472 0.38 -1.35 -16.08
C GLU A 472 1.74 -0.89 -16.58
N SER A 473 2.14 -1.40 -17.74
CA SER A 473 3.43 -1.04 -18.33
C SER A 473 3.25 -0.75 -19.81
N VAL A 474 3.51 0.48 -20.22
CA VAL A 474 3.56 0.88 -21.63
C VAL A 474 4.99 1.30 -21.92
N PHE A 475 5.67 0.53 -22.80
CA PHE A 475 7.09 0.71 -23.00
C PHE A 475 7.37 1.55 -24.25
N PRO A 476 8.39 2.40 -24.19
CA PRO A 476 8.73 3.24 -25.35
C PRO A 476 9.70 2.55 -26.30
N ARG A 477 10.16 3.27 -27.32
CA ARG A 477 11.12 2.71 -28.25
C ARG A 477 12.44 2.45 -27.54
N PRO A 478 13.24 1.50 -28.05
CA PRO A 478 14.46 1.10 -27.32
C PRO A 478 15.45 2.23 -27.07
N TYR A 479 15.57 3.19 -27.98
CA TYR A 479 16.63 4.19 -27.90
C TYR A 479 16.05 5.59 -27.84
N GLY A 480 16.67 6.44 -27.02
CA GLY A 480 16.24 7.82 -26.90
C GLY A 480 14.84 7.98 -26.37
N ALA A 481 14.57 7.39 -25.20
CA ALA A 481 13.23 7.41 -24.64
C ALA A 481 13.30 7.67 -23.14
N ILE A 482 12.16 8.04 -22.58
CA ILE A 482 12.02 8.33 -21.15
C ILE A 482 10.99 7.40 -20.57
N LEU A 483 11.38 6.62 -19.57
CA LEU A 483 10.52 5.62 -18.93
C LEU A 483 10.27 6.03 -17.49
N PHE A 484 9.05 6.50 -17.21
CA PHE A 484 8.65 6.87 -15.86
C PHE A 484 8.19 5.60 -15.14
N CYS A 485 8.96 5.18 -14.14
CA CYS A 485 8.63 3.98 -13.38
C CYS A 485 8.73 4.27 -11.90
N THR A 486 7.86 3.63 -11.12
CA THR A 486 7.96 3.76 -9.68
C THR A 486 9.23 3.08 -9.18
N VAL A 487 9.64 3.46 -7.97
CA VAL A 487 10.93 3.01 -7.46
C VAL A 487 10.96 1.49 -7.29
N GLY A 488 9.86 0.91 -6.79
CA GLY A 488 9.80 -0.54 -6.66
C GLY A 488 9.89 -1.25 -8.00
N VAL A 489 9.26 -0.68 -9.03
CA VAL A 489 9.36 -1.26 -10.36
C VAL A 489 10.79 -1.25 -10.85
N LEU A 490 11.52 -0.16 -10.60
CA LEU A 490 12.93 -0.12 -10.97
C LEU A 490 13.74 -1.14 -10.19
N LEU A 491 13.44 -1.30 -8.89
CA LEU A 491 14.15 -2.30 -8.10
C LEU A 491 13.92 -3.70 -8.64
N ARG A 492 12.72 -3.96 -9.17
CA ARG A 492 12.45 -5.26 -9.78
C ARG A 492 13.12 -5.39 -11.14
N LYS A 493 13.17 -4.30 -11.92
CA LYS A 493 13.86 -4.30 -13.20
C LYS A 493 15.36 -4.47 -13.03
N LEU A 494 15.89 -4.16 -11.85
CA LEU A 494 17.32 -4.28 -11.58
C LEU A 494 17.81 -5.72 -11.66
N GLU A 495 16.90 -6.71 -11.67
CA GLU A 495 17.31 -8.10 -11.72
C GLU A 495 18.18 -8.38 -12.94
N ALA A 496 17.71 -7.99 -14.13
CA ALA A 496 18.42 -8.26 -15.36
C ALA A 496 19.50 -7.23 -15.65
N GLY A 497 19.60 -6.17 -14.88
CA GLY A 497 20.61 -5.15 -15.09
C GLY A 497 20.08 -3.96 -15.86
N LEU A 498 20.78 -2.84 -15.72
CA LEU A 498 20.45 -1.60 -16.40
C LEU A 498 21.27 -1.38 -17.66
N ARG A 499 21.58 -2.46 -18.38
CA ARG A 499 22.41 -2.36 -19.56
C ARG A 499 21.75 -1.47 -20.60
N GLY A 500 22.38 -0.34 -20.90
CA GLY A 500 21.88 0.58 -21.90
C GLY A 500 21.21 1.83 -21.39
N VAL A 501 21.22 2.07 -20.07
CA VAL A 501 20.61 3.26 -19.48
C VAL A 501 21.69 4.30 -19.25
N SER A 502 21.46 5.53 -19.69
CA SER A 502 22.43 6.59 -19.55
C SER A 502 22.10 7.59 -18.45
N HIS A 503 20.82 7.77 -18.12
CA HIS A 503 20.43 8.69 -17.07
C HIS A 503 19.38 8.02 -16.19
N ILE A 504 19.57 8.11 -14.87
CA ILE A 504 18.56 7.69 -13.90
C ILE A 504 18.25 8.90 -13.03
N ILE A 505 16.98 9.24 -12.92
CA ILE A 505 16.55 10.46 -12.25
C ILE A 505 15.63 10.05 -11.11
N VAL A 506 16.16 10.08 -9.89
CA VAL A 506 15.39 9.71 -8.70
C VAL A 506 14.62 10.95 -8.25
N ASP A 507 13.31 10.96 -8.50
CA ASP A 507 12.47 12.09 -8.15
C ASP A 507 12.00 11.98 -6.71
N GLU A 508 11.87 13.13 -6.05
CA GLU A 508 11.30 13.23 -4.71
C GLU A 508 12.04 12.36 -3.72
N ILE A 509 13.33 12.69 -3.50
CA ILE A 509 14.13 11.95 -2.53
C ILE A 509 13.89 12.41 -1.10
N HIS A 510 13.15 13.50 -0.90
CA HIS A 510 13.02 14.07 0.43
C HIS A 510 11.94 13.42 1.28
N GLU A 511 11.07 12.58 0.71
CA GLU A 511 10.14 11.84 1.54
C GLU A 511 10.86 10.80 2.39
N ARG A 512 12.07 10.41 1.98
CA ARG A 512 12.92 9.51 2.76
C ARG A 512 12.27 8.16 2.98
N ASP A 513 11.47 7.70 2.01
CA ASP A 513 10.92 6.37 2.11
C ASP A 513 12.02 5.33 1.91
N VAL A 514 11.74 4.10 2.34
CA VAL A 514 12.77 3.07 2.37
C VAL A 514 13.21 2.68 0.96
N ASN A 515 12.25 2.65 0.02
CA ASN A 515 12.58 2.28 -1.35
C ASN A 515 13.53 3.29 -1.99
N SER A 516 13.30 4.58 -1.75
CA SER A 516 14.19 5.60 -2.29
C SER A 516 15.58 5.49 -1.68
N ASP A 517 15.68 5.13 -0.41
CA ASP A 517 17.00 4.98 0.20
C ASP A 517 17.74 3.77 -0.36
N PHE A 518 17.03 2.65 -0.54
CA PHE A 518 17.60 1.50 -1.24
C PHE A 518 18.14 1.91 -2.61
N LEU A 519 17.32 2.62 -3.37
CA LEU A 519 17.72 3.01 -4.72
C LEU A 519 18.91 3.96 -4.69
N LEU A 520 18.96 4.86 -3.70
CA LEU A 520 20.09 5.76 -3.58
C LEU A 520 21.38 5.00 -3.30
N VAL A 521 21.33 4.00 -2.40
CA VAL A 521 22.52 3.20 -2.14
C VAL A 521 22.95 2.47 -3.39
N ILE A 522 21.99 1.85 -4.10
CA ILE A 522 22.32 1.09 -5.30
C ILE A 522 22.98 1.99 -6.33
N LEU A 523 22.41 3.17 -6.55
CA LEU A 523 22.97 4.10 -7.54
C LEU A 523 24.31 4.66 -7.10
N ARG A 524 24.52 4.82 -5.79
CA ARG A 524 25.83 5.25 -5.32
C ARG A 524 26.90 4.22 -5.68
N ASP A 525 26.63 2.94 -5.40
CA ASP A 525 27.61 1.93 -5.79
C ASP A 525 27.76 1.84 -7.30
N MET A 526 26.66 2.00 -8.03
CA MET A 526 26.73 1.91 -9.49
C MET A 526 27.60 3.02 -10.07
N VAL A 527 27.42 4.26 -9.59
CA VAL A 527 28.24 5.37 -10.04
C VAL A 527 29.68 5.21 -9.59
N ASP A 528 29.91 4.67 -8.39
CA ASP A 528 31.27 4.45 -7.94
C ASP A 528 32.00 3.45 -8.83
N THR A 529 31.30 2.41 -9.29
CA THR A 529 31.92 1.43 -10.18
C THR A 529 31.95 1.95 -11.62
N TYR A 530 30.81 2.41 -12.13
CA TYR A 530 30.72 2.87 -13.51
C TYR A 530 30.78 4.39 -13.54
N PRO A 531 31.82 5.00 -14.11
CA PRO A 531 31.94 6.46 -14.08
C PRO A 531 31.15 7.17 -15.18
N ASP A 532 30.52 6.44 -16.10
CA ASP A 532 29.80 7.08 -17.19
C ASP A 532 28.31 7.24 -16.94
N LEU A 533 27.77 6.54 -15.94
CA LEU A 533 26.36 6.66 -15.62
C LEU A 533 26.06 8.04 -15.04
N HIS A 534 24.95 8.63 -15.47
CA HIS A 534 24.49 9.91 -14.94
C HIS A 534 23.27 9.68 -14.05
N VAL A 535 23.31 10.21 -12.84
CA VAL A 535 22.22 10.11 -11.89
C VAL A 535 21.86 11.52 -11.45
N ILE A 536 20.57 11.82 -11.43
CA ILE A 536 20.06 13.13 -11.03
C ILE A 536 19.04 12.92 -9.93
N LEU A 537 19.32 13.44 -8.74
CA LEU A 537 18.40 13.36 -7.62
C LEU A 537 17.63 14.67 -7.52
N MET A 538 16.34 14.57 -7.21
CA MET A 538 15.51 15.76 -7.10
C MET A 538 14.88 15.84 -5.72
N SER A 539 14.94 17.02 -5.12
CA SER A 539 14.42 17.24 -3.77
C SER A 539 13.80 18.62 -3.71
N ALA A 540 12.91 18.82 -2.72
CA ALA A 540 12.18 20.07 -2.63
C ALA A 540 12.49 20.84 -1.34
N THR A 541 12.31 20.20 -0.19
CA THR A 541 12.43 20.89 1.11
C THR A 541 13.22 19.99 2.06
N ILE A 542 14.54 20.16 2.07
CA ILE A 542 15.42 19.44 2.96
C ILE A 542 16.76 20.14 2.97
N ASP A 543 17.54 19.95 4.02
CA ASP A 543 18.93 20.40 4.03
C ASP A 543 19.72 19.40 3.22
N THR A 544 19.90 19.71 1.94
CA THR A 544 20.52 18.77 1.00
C THR A 544 22.01 18.60 1.29
N THR A 545 22.49 19.20 2.39
CA THR A 545 23.89 19.01 2.78
C THR A 545 24.17 17.54 3.08
N LYS A 546 23.24 16.85 3.74
CA LYS A 546 23.45 15.43 4.05
C LYS A 546 23.54 14.60 2.77
N PHE A 547 22.65 14.86 1.81
CA PHE A 547 22.69 14.12 0.56
C PHE A 547 23.97 14.42 -0.22
N SER A 548 24.39 15.69 -0.23
CA SER A 548 25.63 16.05 -0.90
C SER A 548 26.83 15.36 -0.26
N LYS A 549 26.87 15.33 1.07
CA LYS A 549 27.96 14.66 1.76
C LYS A 549 27.94 13.16 1.49
N TYR A 550 26.74 12.58 1.36
CA TYR A 550 26.62 11.15 1.13
C TYR A 550 27.24 10.74 -0.20
N PHE A 551 27.08 11.54 -1.25
CA PHE A 551 27.59 11.21 -2.58
C PHE A 551 28.96 11.84 -2.84
N GLY A 552 29.74 12.04 -1.79
CA GLY A 552 31.09 12.58 -1.95
C GLY A 552 31.12 14.01 -2.46
N ILE A 553 30.29 14.88 -1.91
CA ILE A 553 30.20 16.29 -2.31
C ILE A 553 29.85 16.38 -3.79
N CYS A 554 28.55 16.35 -4.09
CA CYS A 554 28.06 16.49 -5.45
C CYS A 554 27.36 17.83 -5.61
N PRO A 555 27.39 18.42 -6.80
CA PRO A 555 26.79 19.74 -6.98
C PRO A 555 25.30 19.72 -6.67
N VAL A 556 24.85 20.80 -6.02
CA VAL A 556 23.45 21.00 -5.69
C VAL A 556 23.02 22.30 -6.35
N LEU A 557 22.12 22.21 -7.32
CA LEU A 557 21.67 23.35 -8.10
C LEU A 557 20.37 23.88 -7.51
N GLU A 558 20.38 25.14 -7.10
CA GLU A 558 19.21 25.80 -6.54
C GLU A 558 18.40 26.42 -7.68
N VAL A 559 17.18 25.96 -7.86
CA VAL A 559 16.34 26.37 -8.97
C VAL A 559 15.40 27.47 -8.46
N PRO A 560 15.32 28.62 -9.13
CA PRO A 560 14.46 29.71 -8.65
C PRO A 560 13.01 29.30 -8.45
N GLY A 561 12.38 29.80 -7.38
CA GLY A 561 10.99 29.53 -7.13
C GLY A 561 10.06 30.46 -7.89
N ARG A 562 9.09 29.87 -8.59
CA ARG A 562 8.20 30.70 -9.44
C ARG A 562 7.66 31.86 -8.60
N ALA A 563 6.69 31.63 -7.69
CA ALA A 563 6.16 32.66 -6.74
C ALA A 563 4.77 32.26 -6.25
N PHE A 564 3.91 33.25 -5.96
CA PHE A 564 2.49 33.06 -5.54
C PHE A 564 2.36 33.08 -4.01
N PRO A 565 1.73 34.12 -3.43
CA PRO A 565 1.48 34.19 -1.98
C PRO A 565 0.39 33.28 -1.40
N VAL A 566 0.42 33.05 -0.08
CA VAL A 566 -0.57 32.16 0.62
C VAL A 566 -0.81 32.74 2.02
N GLN A 567 -2.07 32.76 2.47
CA GLN A 567 -2.41 33.27 3.83
C GLN A 567 -2.70 32.07 4.70
N GLN A 568 -2.19 32.04 5.94
CA GLN A 568 -2.60 30.85 6.65
C GLN A 568 -3.52 31.23 7.79
N PHE A 569 -4.73 30.69 7.79
CA PHE A 569 -5.66 30.83 8.90
C PHE A 569 -5.79 29.50 9.61
N PHE A 570 -5.98 29.58 10.92
CA PHE A 570 -6.01 28.41 11.80
C PHE A 570 -7.44 28.13 12.22
N LEU A 571 -7.60 27.18 13.14
CA LEU A 571 -8.92 26.92 13.71
C LEU A 571 -9.48 28.18 14.37
N GLU A 572 -8.64 28.92 15.10
CA GLU A 572 -9.10 30.14 15.78
C GLU A 572 -9.72 31.12 14.79
N ASP A 573 -8.96 31.48 13.75
CA ASP A 573 -9.46 32.44 12.77
C ASP A 573 -10.65 31.86 12.00
N ILE A 574 -10.66 30.55 11.79
CA ILE A 574 -11.76 29.94 11.05
C ILE A 574 -13.07 30.09 11.80
N ILE A 575 -13.08 29.72 13.09
CA ILE A 575 -14.30 29.89 13.89
C ILE A 575 -14.63 31.37 14.07
N GLN A 576 -13.61 32.23 14.08
CA GLN A 576 -13.90 33.65 14.21
C GLN A 576 -14.63 34.21 12.98
N MET A 577 -14.13 33.93 11.78
CA MET A 577 -14.72 34.54 10.59
C MET A 577 -15.86 33.73 9.99
N THR A 578 -16.10 32.51 10.47
CA THR A 578 -17.28 31.77 10.03
C THR A 578 -18.38 31.76 11.07
N ASP A 579 -18.12 32.25 12.28
CA ASP A 579 -19.09 32.28 13.38
C ASP A 579 -19.65 30.88 13.63
N PHE A 580 -18.77 29.89 13.65
CA PHE A 580 -19.18 28.52 13.87
C PHE A 580 -19.79 28.33 15.25
N VAL A 581 -20.91 27.60 15.27
CA VAL A 581 -21.54 27.18 16.51
C VAL A 581 -21.38 25.67 16.61
N PRO A 582 -20.58 25.16 17.55
CA PRO A 582 -20.40 23.72 17.62
C PRO A 582 -21.65 23.02 18.12
N SER A 583 -22.23 22.19 17.26
CA SER A 583 -23.56 21.63 17.49
C SER A 583 -23.49 20.70 18.71
N ALA A 584 -24.05 21.17 19.82
CA ALA A 584 -24.03 20.43 21.07
C ALA A 584 -24.76 19.10 20.96
N GLU A 585 -25.75 18.99 20.08
CA GLU A 585 -26.38 17.70 19.83
C GLU A 585 -25.37 16.70 19.29
N SER A 586 -24.53 17.15 18.34
CA SER A 586 -23.45 16.29 17.86
C SER A 586 -22.43 16.02 18.95
N ARG A 587 -22.27 16.94 19.90
CA ARG A 587 -21.39 16.68 21.03
C ARG A 587 -21.94 15.56 21.90
N ARG A 588 -23.25 15.56 22.14
CA ARG A 588 -23.87 14.47 22.89
C ARG A 588 -23.77 13.16 22.12
N LYS A 589 -23.94 13.22 20.80
CA LYS A 589 -23.75 12.03 19.96
C LYS A 589 -22.33 11.49 20.08
N ARG A 590 -21.34 12.39 20.06
CA ARG A 590 -19.95 11.98 20.19
C ARG A 590 -19.69 11.38 21.56
N LYS A 591 -20.29 11.95 22.61
CA LYS A 591 -20.19 11.38 23.95
C LYS A 591 -20.76 9.97 23.98
N GLU A 592 -21.92 9.78 23.36
CA GLU A 592 -22.56 8.47 23.34
C GLU A 592 -21.72 7.46 22.56
N VAL A 593 -21.10 7.89 21.47
CA VAL A 593 -20.36 6.98 20.60
C VAL A 593 -18.95 6.78 21.13
N GLU A 594 -18.54 7.61 22.10
CA GLU A 594 -17.22 7.49 22.70
C GLU A 594 -17.25 6.91 24.10
N ASP A 595 -18.41 6.69 24.69
CA ASP A 595 -18.47 6.07 26.01
C ASP A 595 -17.84 4.68 25.99
N GLU A 596 -17.75 4.06 24.81
CA GLU A 596 -17.16 2.74 24.64
C GLU A 596 -15.76 2.66 25.24
N GLU A 597 -14.86 3.53 24.76
CA GLU A 597 -13.47 3.50 25.22
C GLU A 597 -13.35 3.99 26.66
N GLN A 598 -14.28 4.84 27.10
CA GLN A 598 -14.23 5.40 28.44
C GLN A 598 -14.50 4.33 29.49
N LEU A 599 -15.25 3.29 29.12
CA LEU A 599 -15.60 2.23 30.05
C LEU A 599 -14.36 1.55 30.61
N LEU A 600 -13.34 1.35 29.78
CA LEU A 600 -12.11 0.71 30.23
C LEU A 600 -10.98 1.73 30.34
N ILE A 609 -2.79 15.35 26.88
CA ILE A 609 -3.10 16.77 27.03
C ILE A 609 -3.85 17.28 25.80
N ASN A 610 -4.87 18.10 26.04
CA ASN A 610 -5.67 18.64 24.95
C ASN A 610 -5.20 20.05 24.62
N TYR A 611 -4.82 20.28 23.36
CA TYR A 611 -4.38 21.59 22.91
C TYR A 611 -5.52 22.43 22.36
N ASN A 612 -6.73 21.89 22.28
CA ASN A 612 -7.89 22.67 21.88
C ASN A 612 -8.40 23.58 23.00
N LYS A 613 -8.01 23.32 24.25
CA LYS A 613 -8.44 24.13 25.38
C LYS A 613 -7.58 25.38 25.57
N VAL A 614 -6.46 25.49 24.88
CA VAL A 614 -5.49 26.57 25.07
C VAL A 614 -5.67 27.58 23.94
N CYS A 615 -5.87 28.84 24.30
CA CYS A 615 -6.02 29.90 23.32
C CYS A 615 -5.62 31.22 23.98
N GLU A 616 -5.17 32.16 23.15
CA GLU A 616 -4.75 33.46 23.65
C GLU A 616 -5.97 34.34 23.91
N ASP A 617 -5.77 35.35 24.76
CA ASP A 617 -6.86 36.23 25.16
C ASP A 617 -7.27 37.21 24.08
N LYS A 618 -6.50 37.32 22.99
CA LYS A 618 -6.87 38.23 21.91
C LYS A 618 -8.17 37.80 21.25
N TYR A 619 -8.51 36.52 21.32
CA TYR A 619 -9.71 36.00 20.70
C TYR A 619 -10.91 36.15 21.63
N SER A 620 -12.10 36.18 21.04
CA SER A 620 -13.32 36.41 21.80
C SER A 620 -13.63 35.23 22.71
N GLN A 621 -14.43 35.50 23.74
CA GLN A 621 -14.81 34.45 24.68
C GLN A 621 -15.60 33.34 24.01
N LYS A 622 -16.52 33.70 23.11
CA LYS A 622 -17.27 32.70 22.37
C LYS A 622 -16.34 31.86 21.50
N THR A 623 -15.29 32.47 20.96
CA THR A 623 -14.36 31.73 20.12
C THR A 623 -13.66 30.64 20.91
N ARG A 624 -13.10 30.98 22.07
CA ARG A 624 -12.42 29.97 22.88
C ARG A 624 -13.38 28.96 23.46
N ASN A 625 -14.61 29.37 23.80
CA ASN A 625 -15.59 28.42 24.29
C ASN A 625 -15.94 27.38 23.22
N ALA A 626 -16.21 27.84 22.00
CA ALA A 626 -16.51 26.90 20.92
C ALA A 626 -15.29 26.05 20.58
N MET A 627 -14.09 26.64 20.69
CA MET A 627 -12.87 25.91 20.43
C MET A 627 -12.71 24.76 21.44
N ALA A 628 -12.96 25.04 22.71
CA ALA A 628 -12.96 24.00 23.73
C ALA A 628 -14.01 22.95 23.50
N MET A 629 -15.21 23.35 23.06
CA MET A 629 -16.28 22.40 22.82
C MET A 629 -15.91 21.40 21.74
N LEU A 630 -15.07 21.79 20.78
CA LEU A 630 -14.66 20.90 19.71
C LEU A 630 -13.68 19.84 20.21
N SER A 631 -13.61 18.74 19.48
CA SER A 631 -12.74 17.62 19.82
C SER A 631 -11.58 17.55 18.84
N GLU A 632 -10.37 17.34 19.38
CA GLU A 632 -9.18 17.32 18.53
C GLU A 632 -9.11 16.03 17.71
N SER A 633 -9.39 14.89 18.32
CA SER A 633 -9.20 13.61 17.64
C SER A 633 -10.11 13.48 16.43
N ASP A 634 -11.37 13.87 16.57
CA ASP A 634 -12.30 13.76 15.46
C ASP A 634 -12.28 15.02 14.61
N VAL A 635 -12.89 14.92 13.42
CA VAL A 635 -13.01 16.03 12.49
C VAL A 635 -14.48 16.42 12.40
N SER A 636 -14.75 17.71 12.59
CA SER A 636 -16.11 18.23 12.58
C SER A 636 -16.51 18.52 11.14
N PHE A 637 -17.47 17.76 10.63
CA PHE A 637 -17.93 17.97 9.26
C PHE A 637 -18.77 19.23 9.13
N GLU A 638 -19.50 19.60 10.19
CA GLU A 638 -20.20 20.89 10.18
C GLU A 638 -19.22 22.04 10.06
N LEU A 639 -18.04 21.89 10.66
CA LEU A 639 -16.98 22.88 10.48
C LEU A 639 -16.55 22.97 9.02
N LEU A 640 -16.44 21.83 8.35
CA LEU A 640 -16.08 21.84 6.94
C LEU A 640 -17.17 22.50 6.09
N GLU A 641 -18.44 22.27 6.42
CA GLU A 641 -19.51 22.95 5.69
C GLU A 641 -19.48 24.45 5.94
N ALA A 642 -19.15 24.87 7.17
CA ALA A 642 -18.98 26.29 7.43
C ALA A 642 -17.83 26.86 6.60
N LEU A 643 -16.73 26.11 6.49
CA LEU A 643 -15.61 26.56 5.66
C LEU A 643 -16.03 26.70 4.21
N LEU A 644 -16.80 25.75 3.69
CA LEU A 644 -17.26 25.83 2.31
C LEU A 644 -18.23 26.98 2.12
N MET A 645 -19.07 27.26 3.12
CA MET A 645 -19.91 28.45 3.07
C MET A 645 -19.07 29.71 2.96
N HIS A 646 -17.99 29.80 3.77
CA HIS A 646 -17.11 30.94 3.69
C HIS A 646 -16.45 31.05 2.31
N ILE A 647 -16.05 29.91 1.74
CA ILE A 647 -15.42 29.92 0.43
C ILE A 647 -16.38 30.42 -0.63
N LYS A 648 -17.63 29.93 -0.62
CA LYS A 648 -18.60 30.38 -1.60
C LYS A 648 -18.94 31.85 -1.39
N SER A 649 -18.95 32.31 -0.14
CA SER A 649 -19.19 33.73 0.13
C SER A 649 -18.07 34.60 -0.42
N LYS A 650 -16.82 34.12 -0.35
CA LYS A 650 -15.70 34.89 -0.87
C LYS A 650 -15.74 35.06 -2.38
N ASN A 651 -16.53 34.25 -3.09
CA ASN A 651 -16.75 34.35 -4.53
C ASN A 651 -15.45 34.53 -5.32
N ILE A 652 -14.36 33.98 -4.79
CA ILE A 652 -13.05 33.99 -5.45
C ILE A 652 -12.91 32.64 -6.16
N PRO A 653 -12.72 32.62 -7.49
CA PRO A 653 -12.68 31.33 -8.20
C PRO A 653 -11.37 30.56 -8.07
N GLY A 654 -11.44 29.28 -8.40
CA GLY A 654 -10.31 28.38 -8.27
C GLY A 654 -10.66 27.09 -7.57
N ALA A 655 -10.14 25.98 -8.05
CA ALA A 655 -10.42 24.69 -7.46
C ALA A 655 -9.80 24.58 -6.07
N ILE A 656 -10.48 23.84 -5.19
CA ILE A 656 -10.04 23.67 -3.81
C ILE A 656 -9.65 22.21 -3.62
N LEU A 657 -8.69 21.97 -2.73
CA LEU A 657 -8.20 20.63 -2.43
C LEU A 657 -8.04 20.48 -0.93
N VAL A 658 -8.43 19.32 -0.41
CA VAL A 658 -8.44 19.06 1.02
C VAL A 658 -7.63 17.80 1.29
N PHE A 659 -6.67 17.89 2.20
CA PHE A 659 -5.81 16.75 2.57
C PHE A 659 -6.48 15.96 3.69
N LEU A 660 -7.47 15.16 3.31
CA LEU A 660 -8.21 14.37 4.28
C LEU A 660 -7.30 13.33 4.93
N PRO A 661 -7.54 13.00 6.21
CA PRO A 661 -6.66 12.07 6.92
C PRO A 661 -6.46 10.73 6.24
N GLY A 662 -7.54 10.01 5.95
CA GLY A 662 -7.39 8.66 5.46
C GLY A 662 -8.55 8.22 4.60
N TRP A 663 -8.35 7.04 4.00
CA TRP A 663 -9.25 6.50 2.97
C TRP A 663 -10.70 6.48 3.44
N ASN A 664 -10.94 5.92 4.63
CA ASN A 664 -12.29 5.83 5.17
C ASN A 664 -12.87 7.24 5.31
N LEU A 665 -12.07 8.18 5.83
CA LEU A 665 -12.54 9.55 5.95
C LEU A 665 -12.79 10.19 4.59
N ILE A 666 -11.97 9.86 3.59
CA ILE A 666 -12.17 10.43 2.26
C ILE A 666 -13.52 10.01 1.69
N PHE A 667 -13.85 8.72 1.76
CA PHE A 667 -15.16 8.33 1.22
C PHE A 667 -16.31 8.72 2.14
N ALA A 668 -16.06 8.86 3.45
CA ALA A 668 -17.11 9.38 4.33
C ALA A 668 -17.48 10.80 3.94
N LEU A 669 -16.47 11.66 3.74
CA LEU A 669 -16.74 13.01 3.28
C LEU A 669 -17.32 13.01 1.87
N MET A 670 -16.86 12.10 1.01
CA MET A 670 -17.48 11.91 -0.30
C MET A 670 -18.99 11.77 -0.19
N LYS A 671 -19.44 10.74 0.54
CA LYS A 671 -20.87 10.44 0.58
C LYS A 671 -21.63 11.49 1.38
N PHE A 672 -20.96 12.17 2.32
CA PHE A 672 -21.65 13.25 3.04
C PHE A 672 -21.91 14.41 2.09
N LEU A 673 -20.87 14.85 1.37
CA LEU A 673 -21.01 16.00 0.47
C LEU A 673 -21.98 15.69 -0.67
N GLN A 674 -21.96 14.46 -1.20
CA GLN A 674 -22.94 14.09 -2.21
C GLN A 674 -24.36 14.17 -1.67
N ASN A 675 -24.55 14.00 -0.35
CA ASN A 675 -25.88 14.06 0.24
C ASN A 675 -26.39 15.48 0.39
N THR A 676 -25.50 16.44 0.67
CA THR A 676 -25.94 17.81 0.86
C THR A 676 -26.38 18.43 -0.46
N ASN A 677 -27.06 19.57 -0.36
CA ASN A 677 -27.69 20.19 -1.52
C ASN A 677 -26.78 21.21 -2.20
N ILE A 678 -26.35 22.23 -1.47
CA ILE A 678 -25.61 23.33 -2.08
C ILE A 678 -24.23 22.88 -2.52
N PHE A 679 -23.53 22.11 -1.69
CA PHE A 679 -22.25 21.51 -2.04
C PHE A 679 -22.48 20.02 -2.24
N GLY A 680 -22.44 19.58 -3.49
CA GLY A 680 -22.64 18.17 -3.80
C GLY A 680 -23.45 17.94 -5.05
N ASP A 681 -24.28 18.91 -5.42
CA ASP A 681 -25.01 18.82 -6.67
C ASP A 681 -24.06 18.98 -7.84
N THR A 682 -24.41 18.35 -8.96
CA THR A 682 -23.57 18.44 -10.16
C THR A 682 -23.50 19.85 -10.70
N SER A 683 -24.45 20.72 -10.34
CA SER A 683 -24.44 22.10 -10.80
C SER A 683 -23.50 22.93 -9.93
N GLN A 684 -22.52 23.56 -10.56
CA GLN A 684 -21.55 24.49 -9.98
C GLN A 684 -20.57 23.84 -9.03
N TYR A 685 -20.72 22.55 -8.72
CA TYR A 685 -19.78 21.86 -7.83
C TYR A 685 -19.66 20.41 -8.25
N GLN A 686 -18.54 19.80 -7.89
CA GLN A 686 -18.37 18.35 -8.00
C GLN A 686 -17.20 17.95 -7.12
N ILE A 687 -17.36 16.88 -6.38
CA ILE A 687 -16.34 16.41 -5.44
C ILE A 687 -15.70 15.16 -6.02
N LEU A 688 -14.36 15.16 -6.11
CA LEU A 688 -13.60 14.10 -6.76
C LEU A 688 -12.48 13.64 -5.84
N PRO A 689 -12.31 12.33 -5.68
CA PRO A 689 -11.22 11.82 -4.84
C PRO A 689 -9.95 11.53 -5.65
N CYS A 690 -8.82 11.57 -4.94
CA CYS A 690 -7.51 11.29 -5.52
C CYS A 690 -6.72 10.39 -4.58
N HIS A 691 -6.11 9.36 -5.15
CA HIS A 691 -5.19 8.49 -4.43
C HIS A 691 -4.49 7.60 -5.45
N SER A 692 -3.61 6.73 -4.96
CA SER A 692 -2.86 5.83 -5.83
C SER A 692 -3.62 4.55 -6.13
N GLN A 693 -4.35 4.01 -5.14
CA GLN A 693 -5.01 2.72 -5.30
C GLN A 693 -6.31 2.80 -6.09
N ILE A 694 -6.86 3.99 -6.30
CA ILE A 694 -8.09 4.08 -7.09
C ILE A 694 -7.80 3.63 -8.51
N PRO A 695 -8.73 2.95 -9.18
CA PRO A 695 -8.46 2.49 -10.55
C PRO A 695 -8.25 3.65 -11.51
N ARG A 696 -7.66 3.33 -12.66
CA ARG A 696 -7.31 4.35 -13.65
C ARG A 696 -8.54 5.08 -14.19
N ASP A 697 -9.73 4.48 -14.07
CA ASP A 697 -10.93 5.05 -14.67
C ASP A 697 -11.20 6.45 -14.12
N GLU A 698 -11.10 6.63 -12.80
CA GLU A 698 -11.35 7.93 -12.19
C GLU A 698 -10.16 8.88 -12.30
N GLN A 699 -8.95 8.37 -12.51
CA GLN A 699 -7.80 9.26 -12.68
C GLN A 699 -7.97 10.13 -13.92
N ARG A 700 -8.49 9.56 -15.00
CA ARG A 700 -8.71 10.33 -16.22
C ARG A 700 -9.68 11.48 -15.99
N LYS A 701 -10.77 11.22 -15.25
CA LYS A 701 -11.79 12.26 -15.07
C LYS A 701 -11.34 13.31 -14.07
N VAL A 702 -10.53 12.93 -13.07
CA VAL A 702 -10.06 13.94 -12.13
C VAL A 702 -8.98 14.82 -12.78
N PHE A 703 -8.06 14.21 -13.53
CA PHE A 703 -6.99 15.00 -14.14
C PHE A 703 -7.51 15.94 -15.21
N GLU A 704 -8.43 15.48 -16.04
CA GLU A 704 -8.91 16.29 -17.15
C GLU A 704 -9.69 17.49 -16.64
N PRO A 705 -9.50 18.68 -17.24
CA PRO A 705 -10.14 19.89 -16.72
C PRO A 705 -11.63 19.98 -17.03
N VAL A 706 -12.35 20.81 -16.28
CA VAL A 706 -13.80 20.92 -16.44
C VAL A 706 -14.20 22.35 -16.73
N PRO A 707 -15.27 22.58 -17.48
CA PRO A 707 -15.68 23.95 -17.79
C PRO A 707 -16.47 24.58 -16.64
N GLU A 708 -16.75 25.88 -16.82
CA GLU A 708 -17.63 26.69 -15.99
C GLU A 708 -17.09 26.94 -14.58
N GLY A 709 -15.95 26.35 -14.21
CA GLY A 709 -15.39 26.58 -12.89
C GLY A 709 -16.28 26.08 -11.78
N VAL A 710 -16.43 24.75 -11.67
CA VAL A 710 -17.30 24.16 -10.66
C VAL A 710 -16.51 23.92 -9.38
N THR A 711 -15.30 24.51 -9.31
CA THR A 711 -14.45 24.58 -8.13
C THR A 711 -13.84 23.23 -7.75
N LYS A 712 -14.25 22.15 -8.43
CA LYS A 712 -13.51 20.88 -8.44
C LYS A 712 -13.01 20.46 -7.06
N ILE A 713 -13.92 20.19 -6.13
CA ILE A 713 -13.51 19.93 -4.75
C ILE A 713 -12.74 18.61 -4.73
N ILE A 714 -11.42 18.68 -4.57
CA ILE A 714 -10.58 17.50 -4.59
C ILE A 714 -10.36 17.01 -3.17
N LEU A 715 -10.62 15.73 -2.93
CA LEU A 715 -10.34 15.07 -1.66
C LEU A 715 -9.11 14.18 -1.86
N SER A 716 -8.01 14.51 -1.19
CA SER A 716 -6.77 13.79 -1.42
C SER A 716 -6.13 13.41 -0.10
N THR A 717 -5.28 12.40 -0.16
CA THR A 717 -4.41 12.04 0.95
C THR A 717 -3.17 12.94 0.81
N ASN A 718 -2.09 12.66 1.54
CA ASN A 718 -0.87 13.44 1.44
C ASN A 718 -0.12 13.25 0.11
N ILE A 719 -0.72 12.62 -0.90
CA ILE A 719 -0.05 12.33 -2.16
C ILE A 719 -0.12 13.52 -3.10
N ALA A 720 -0.51 14.68 -2.59
CA ALA A 720 -0.69 15.87 -3.43
C ALA A 720 0.09 17.09 -2.94
N GLU A 721 1.14 16.90 -2.13
CA GLU A 721 1.93 18.04 -1.65
C GLU A 721 3.16 18.28 -2.52
N THR A 722 4.03 17.28 -2.63
CA THR A 722 5.23 17.36 -3.47
C THR A 722 5.08 16.51 -4.72
N SER A 723 3.86 16.35 -5.21
CA SER A 723 3.54 15.35 -6.23
C SER A 723 2.81 16.07 -7.36
N ILE A 724 2.07 15.33 -8.19
CA ILE A 724 1.54 15.73 -9.50
C ILE A 724 1.13 17.19 -9.58
N THR A 725 0.50 17.71 -8.51
CA THR A 725 0.07 19.10 -8.39
C THR A 725 -1.20 19.36 -9.22
N ILE A 726 -1.58 18.38 -10.04
CA ILE A 726 -2.86 18.34 -10.75
C ILE A 726 -3.06 19.66 -11.49
N ASP A 727 -4.19 20.33 -11.26
CA ASP A 727 -4.54 21.57 -11.90
C ASP A 727 -4.35 22.74 -10.93
N ASP A 728 -4.84 23.91 -11.34
CA ASP A 728 -4.73 25.11 -10.52
C ASP A 728 -5.37 24.90 -9.16
N ILE A 729 -4.69 25.38 -8.12
CA ILE A 729 -5.17 25.33 -6.74
C ILE A 729 -5.04 26.72 -6.16
N VAL A 730 -6.08 27.17 -5.45
CA VAL A 730 -6.04 28.48 -4.79
C VAL A 730 -6.34 28.31 -3.31
N PHE A 731 -7.06 27.24 -2.96
CA PHE A 731 -7.55 27.01 -1.62
C PHE A 731 -7.01 25.67 -1.13
N VAL A 732 -6.28 25.67 -0.03
CA VAL A 732 -5.78 24.43 0.55
C VAL A 732 -6.31 24.32 1.97
N ILE A 733 -7.12 23.30 2.22
CA ILE A 733 -7.66 23.02 3.54
C ILE A 733 -6.96 21.76 4.04
N ASP A 734 -6.20 21.90 5.12
CA ASP A 734 -5.44 20.80 5.68
C ASP A 734 -5.99 20.44 7.05
N ILE A 735 -6.17 19.15 7.30
CA ILE A 735 -6.67 18.68 8.59
C ILE A 735 -5.54 18.29 9.54
N CYS A 736 -4.28 18.37 9.08
CA CYS A 736 -3.10 18.10 9.89
C CYS A 736 -3.05 16.66 10.40
N LYS A 737 -3.78 15.76 9.76
CA LYS A 737 -3.77 14.34 10.12
C LYS A 737 -3.38 13.52 8.91
N ALA A 738 -2.65 12.44 9.15
CA ALA A 738 -2.24 11.55 8.08
C ALA A 738 -2.20 10.13 8.60
N ARG A 739 -2.74 9.19 7.82
CA ARG A 739 -2.66 7.78 8.18
C ARG A 739 -1.27 7.26 7.88
N MET A 740 -0.70 6.55 8.86
CA MET A 740 0.64 6.01 8.71
C MET A 740 0.69 4.63 9.34
N LYS A 741 1.45 3.74 8.71
CA LYS A 741 1.66 2.39 9.23
C LYS A 741 2.62 2.53 10.40
N LEU A 742 2.07 2.69 11.59
CA LEU A 742 2.86 2.98 12.78
C LEU A 742 3.38 1.65 13.30
N PHE A 743 4.58 1.30 12.87
CA PHE A 743 5.21 0.05 13.29
C PHE A 743 5.70 0.23 14.73
N THR A 744 5.15 -0.55 15.65
CA THR A 744 5.45 -0.42 17.07
C THR A 744 6.76 -1.13 17.41
N SER A 745 7.79 -0.79 16.63
CA SER A 745 9.13 -1.39 16.73
C SER A 745 8.96 -2.91 16.79
N HIS A 746 9.64 -3.60 17.73
CA HIS A 746 9.48 -5.03 17.93
C HIS A 746 9.76 -5.79 16.64
N ASN A 747 8.99 -6.83 16.36
CA ASN A 747 9.18 -7.63 15.15
C ASN A 747 7.90 -7.85 14.37
N ASN A 748 6.74 -7.83 15.03
CA ASN A 748 5.48 -8.19 14.38
C ASN A 748 4.35 -7.24 14.78
N LEU A 749 3.12 -7.63 14.46
CA LEU A 749 1.90 -6.91 14.84
C LEU A 749 1.90 -5.50 14.24
N THR A 750 1.86 -5.48 12.91
CA THR A 750 1.81 -4.22 12.18
C THR A 750 0.53 -3.46 12.49
N SER A 751 0.67 -2.26 13.06
CA SER A 751 -0.45 -1.43 13.43
C SER A 751 -0.48 -0.17 12.57
N TYR A 752 -1.69 0.37 12.40
CA TYR A 752 -1.88 1.58 11.61
C TYR A 752 -2.55 2.64 12.48
N ALA A 753 -2.16 3.90 12.27
CA ALA A 753 -2.70 4.95 13.12
C ALA A 753 -2.73 6.27 12.35
N THR A 754 -3.67 7.12 12.73
CA THR A 754 -3.78 8.47 12.18
C THR A 754 -3.03 9.41 13.11
N VAL A 755 -1.93 9.98 12.61
CA VAL A 755 -1.02 10.78 13.42
C VAL A 755 -0.92 12.18 12.84
N TRP A 756 -0.56 13.13 13.70
CA TRP A 756 -0.41 14.51 13.28
C TRP A 756 0.75 14.64 12.29
N ALA A 757 0.63 15.59 11.37
CA ALA A 757 1.66 15.84 10.38
C ALA A 757 2.84 16.57 11.04
N SER A 758 3.81 16.95 10.24
CA SER A 758 5.04 17.57 10.72
C SER A 758 5.13 19.01 10.24
N LYS A 759 6.20 19.69 10.68
CA LYS A 759 6.43 21.08 10.25
C LYS A 759 6.63 21.14 8.73
N THR A 760 7.47 20.25 8.20
CA THR A 760 7.78 20.28 6.78
C THR A 760 6.56 19.96 5.93
N ASN A 761 5.77 18.97 6.35
CA ASN A 761 4.57 18.62 5.61
C ASN A 761 3.59 19.78 5.58
N LEU A 762 3.42 20.46 6.71
CA LEU A 762 2.51 21.60 6.77
C LEU A 762 3.03 22.76 5.91
N GLU A 763 4.34 22.98 5.91
CA GLU A 763 4.91 24.03 5.06
C GLU A 763 4.69 23.73 3.60
N GLN A 764 4.88 22.47 3.19
CA GLN A 764 4.62 22.08 1.81
C GLN A 764 3.15 22.25 1.45
N ARG A 765 2.25 21.85 2.35
CA ARG A 765 0.82 21.99 2.06
C ARG A 765 0.42 23.46 1.96
N LYS A 766 0.98 24.33 2.80
CA LYS A 766 0.75 25.76 2.67
C LYS A 766 1.29 26.29 1.35
N GLY A 767 2.47 25.84 0.94
CA GLY A 767 3.02 26.26 -0.33
C GLY A 767 2.23 25.74 -1.52
N ARG A 768 1.44 24.68 -1.32
CA ARG A 768 0.57 24.15 -2.35
C ARG A 768 -0.62 25.04 -2.66
N ALA A 769 -0.82 26.14 -1.92
CA ALA A 769 -1.98 26.98 -2.17
C ALA A 769 -1.75 27.89 -3.38
N GLY A 770 -0.59 28.57 -3.38
CA GLY A 770 -0.22 29.47 -4.49
C GLY A 770 0.23 28.71 -5.73
N ARG A 771 -0.55 28.80 -6.82
CA ARG A 771 -0.22 28.00 -8.02
C ARG A 771 -0.94 28.59 -9.24
N VAL A 772 -2.05 29.32 -9.04
CA VAL A 772 -2.73 30.00 -10.19
C VAL A 772 -3.18 31.41 -9.79
N ARG A 773 -3.47 31.64 -8.51
CA ARG A 773 -3.84 32.97 -7.99
C ARG A 773 -3.35 32.98 -6.55
N PRO A 774 -2.93 34.11 -5.95
CA PRO A 774 -2.53 34.02 -4.55
C PRO A 774 -3.62 33.25 -3.78
N GLY A 775 -3.27 32.22 -2.99
CA GLY A 775 -4.28 31.43 -2.35
C GLY A 775 -4.24 31.54 -0.84
N PHE A 776 -5.00 30.68 -0.18
CA PHE A 776 -5.12 30.67 1.27
C PHE A 776 -5.07 29.25 1.79
N CYS A 777 -4.50 29.10 2.99
CA CYS A 777 -4.33 27.80 3.63
C CYS A 777 -5.08 27.79 4.95
N PHE A 778 -6.13 26.97 5.01
CA PHE A 778 -6.91 26.79 6.24
C PHE A 778 -6.41 25.53 6.93
N THR A 779 -5.67 25.72 8.02
CA THR A 779 -5.09 24.61 8.78
C THR A 779 -6.00 24.35 9.99
N LEU A 780 -6.65 23.19 9.98
CA LEU A 780 -7.67 22.89 10.97
C LEU A 780 -7.07 22.39 12.27
N CYS A 781 -6.40 23.27 13.03
CA CYS A 781 -5.95 22.95 14.37
C CYS A 781 -5.66 24.25 15.10
N SER A 782 -5.54 24.14 16.42
CA SER A 782 -5.22 25.29 17.25
C SER A 782 -3.76 25.69 17.06
N ARG A 783 -3.47 26.96 17.38
CA ARG A 783 -2.10 27.44 17.26
C ARG A 783 -1.15 26.70 18.18
N ALA A 784 -1.62 26.35 19.39
CA ALA A 784 -0.79 25.57 20.29
C ALA A 784 -0.49 24.19 19.71
N ARG A 785 -1.44 23.61 18.96
CA ARG A 785 -1.20 22.33 18.33
C ARG A 785 -0.05 22.42 17.32
N PHE A 786 -0.05 23.46 16.48
CA PHE A 786 1.05 23.64 15.54
C PHE A 786 2.35 23.86 16.32
N GLN A 787 2.29 24.65 17.39
CA GLN A 787 3.47 24.85 18.23
C GLN A 787 3.95 23.53 18.84
N ALA A 788 3.07 22.54 18.95
CA ALA A 788 3.43 21.25 19.52
C ALA A 788 3.78 20.20 18.47
N LEU A 789 3.62 20.49 17.19
CA LEU A 789 3.91 19.51 16.16
C LEU A 789 5.41 19.22 16.08
N GLU A 790 5.74 17.99 15.70
CA GLU A 790 7.13 17.60 15.54
C GLU A 790 7.75 18.32 14.35
N ASP A 791 9.08 18.44 14.37
CA ASP A 791 9.77 19.17 13.33
C ASP A 791 9.71 18.43 11.99
N ASN A 792 10.32 17.26 11.92
CA ASN A 792 10.31 16.42 10.74
C ASN A 792 9.85 15.02 11.11
N LEU A 793 9.08 14.40 10.22
CA LEU A 793 8.71 13.00 10.42
C LEU A 793 9.95 12.13 10.25
N THR A 794 10.01 11.05 11.03
CA THR A 794 11.20 10.21 11.04
C THR A 794 11.36 9.51 9.70
N PRO A 795 12.59 9.20 9.28
CA PRO A 795 12.78 8.43 8.04
C PRO A 795 12.09 7.08 8.13
N GLU A 796 11.59 6.63 6.98
CA GLU A 796 10.73 5.46 6.97
C GLU A 796 11.47 4.19 7.39
N MET A 797 12.78 4.13 7.15
CA MET A 797 13.53 2.92 7.50
C MET A 797 13.43 2.60 8.99
N PHE A 798 13.28 3.62 9.83
CA PHE A 798 13.21 3.41 11.26
C PHE A 798 11.84 2.92 11.73
N ARG A 799 10.83 2.91 10.87
CA ARG A 799 9.48 2.54 11.28
C ARG A 799 8.81 1.64 10.24
N THR A 800 9.59 0.75 9.63
CA THR A 800 9.06 -0.26 8.72
C THR A 800 9.77 -1.59 8.90
N PRO A 801 9.10 -2.72 8.63
CA PRO A 801 9.81 -4.00 8.64
C PRO A 801 10.81 -4.08 7.50
N LEU A 802 11.88 -4.84 7.72
CA LEU A 802 12.96 -4.95 6.74
C LEU A 802 13.11 -6.37 6.19
N HIS A 803 12.09 -7.21 6.31
CA HIS A 803 12.19 -8.54 5.72
C HIS A 803 12.09 -8.49 4.20
N GLU A 804 11.13 -7.73 3.68
CA GLU A 804 11.07 -7.53 2.23
C GLU A 804 12.31 -6.83 1.70
N MET A 805 12.85 -5.90 2.49
CA MET A 805 14.07 -5.20 2.09
C MET A 805 15.22 -6.18 1.90
N ALA A 806 15.39 -7.09 2.86
CA ALA A 806 16.46 -8.09 2.75
C ALA A 806 16.17 -9.08 1.64
N LEU A 807 14.90 -9.41 1.41
CA LEU A 807 14.56 -10.27 0.29
C LEU A 807 14.99 -9.66 -1.03
N THR A 808 14.72 -8.37 -1.22
CA THR A 808 15.16 -7.69 -2.44
C THR A 808 16.68 -7.57 -2.49
N ILE A 809 17.33 -7.39 -1.34
CA ILE A 809 18.79 -7.29 -1.31
C ILE A 809 19.42 -8.59 -1.79
N LYS A 810 18.94 -9.72 -1.27
CA LYS A 810 19.54 -11.00 -1.62
C LYS A 810 19.01 -11.55 -2.94
N LEU A 811 17.93 -11.00 -3.48
CA LEU A 811 17.46 -11.42 -4.79
C LEU A 811 18.38 -10.92 -5.90
N LEU A 812 18.96 -9.74 -5.73
CA LEU A 812 19.86 -9.14 -6.71
C LEU A 812 21.31 -9.50 -6.47
N ARG A 813 21.61 -10.34 -5.48
CA ARG A 813 22.97 -10.69 -5.10
C ARG A 813 23.78 -9.46 -4.69
N LEU A 814 23.28 -8.76 -3.68
CA LEU A 814 23.96 -7.58 -3.16
C LEU A 814 24.85 -7.86 -1.96
N GLY A 815 24.71 -9.00 -1.29
CA GLY A 815 25.57 -9.36 -0.20
C GLY A 815 24.85 -9.42 1.13
N SER A 816 25.65 -9.38 2.19
CA SER A 816 25.10 -9.50 3.54
C SER A 816 24.18 -8.33 3.86
N ILE A 817 23.10 -8.61 4.58
CA ILE A 817 22.11 -7.60 4.90
C ILE A 817 22.71 -6.52 5.80
N HIS A 818 23.47 -6.93 6.81
CA HIS A 818 24.00 -5.97 7.79
C HIS A 818 24.90 -4.95 7.12
N HIS A 819 25.84 -5.42 6.28
CA HIS A 819 26.76 -4.50 5.61
C HIS A 819 26.02 -3.55 4.69
N PHE A 820 25.11 -4.08 3.88
CA PHE A 820 24.38 -3.25 2.93
C PHE A 820 23.55 -2.20 3.63
N LEU A 821 22.87 -2.57 4.72
CA LEU A 821 22.11 -1.58 5.46
C LEU A 821 23.01 -0.59 6.18
N SER A 822 24.22 -1.01 6.55
CA SER A 822 25.18 -0.08 7.12
C SER A 822 25.73 0.89 6.09
N LYS A 823 25.63 0.57 4.80
CA LYS A 823 26.06 1.48 3.75
C LYS A 823 25.00 2.53 3.40
N ALA A 824 23.82 2.48 4.01
CA ALA A 824 22.75 3.39 3.65
C ALA A 824 23.02 4.80 4.19
N LEU A 825 22.11 5.72 3.88
CA LEU A 825 22.18 7.09 4.37
C LEU A 825 22.11 7.13 5.88
N GLU A 826 20.95 6.74 6.42
CA GLU A 826 20.78 6.55 7.85
C GLU A 826 20.50 5.07 8.08
N PRO A 827 21.47 4.29 8.53
CA PRO A 827 21.25 2.86 8.76
C PRO A 827 20.14 2.65 9.77
N PRO A 828 19.29 1.65 9.57
CA PRO A 828 18.24 1.36 10.54
C PRO A 828 18.86 0.82 11.82
N PRO A 829 18.15 0.87 12.94
CA PRO A 829 18.69 0.27 14.17
C PRO A 829 19.02 -1.19 13.95
N VAL A 830 20.15 -1.62 14.50
CA VAL A 830 20.69 -2.94 14.18
C VAL A 830 19.72 -4.03 14.61
N ASP A 831 19.13 -3.91 15.79
CA ASP A 831 18.23 -4.95 16.30
C ASP A 831 17.09 -5.20 15.32
N ALA A 832 16.62 -4.17 14.63
CA ALA A 832 15.63 -4.37 13.57
C ALA A 832 16.19 -5.24 12.46
N VAL A 833 17.46 -5.05 12.10
CA VAL A 833 18.08 -5.85 11.06
C VAL A 833 18.16 -7.32 11.47
N ILE A 834 18.61 -7.59 12.70
CA ILE A 834 18.67 -8.98 13.13
C ILE A 834 17.25 -9.57 13.22
N GLU A 835 16.27 -8.80 13.67
CA GLU A 835 14.92 -9.33 13.74
C GLU A 835 14.39 -9.69 12.36
N ALA A 836 14.62 -8.82 11.37
CA ALA A 836 14.18 -9.13 10.01
C ALA A 836 14.90 -10.35 9.46
N GLU A 837 16.22 -10.43 9.67
CA GLU A 837 16.97 -11.57 9.13
C GLU A 837 16.55 -12.87 9.80
N VAL A 838 16.29 -12.85 11.12
CA VAL A 838 15.88 -14.07 11.80
C VAL A 838 14.47 -14.46 11.40
N LEU A 839 13.59 -13.48 11.12
CA LEU A 839 12.28 -13.83 10.61
C LEU A 839 12.37 -14.45 9.23
N LEU A 840 13.24 -13.92 8.37
CA LEU A 840 13.40 -14.51 7.04
C LEU A 840 14.01 -15.91 7.12
N ARG A 841 14.98 -16.11 8.03
CA ARG A 841 15.52 -17.45 8.25
C ARG A 841 14.51 -18.37 8.90
N GLU A 842 13.47 -17.82 9.52
CA GLU A 842 12.31 -18.60 9.95
C GLU A 842 11.44 -18.78 8.71
N MET A 843 10.15 -19.14 8.86
CA MET A 843 9.37 -19.84 7.85
C MET A 843 9.75 -19.46 6.43
N ARG A 844 10.02 -20.46 5.59
CA ARG A 844 10.57 -20.25 4.26
C ARG A 844 9.70 -20.91 3.20
N CYS A 845 9.39 -20.15 2.14
CA CYS A 845 8.92 -20.71 0.87
C CYS A 845 9.85 -20.06 -0.17
N LEU A 846 11.03 -20.64 -0.31
CA LEU A 846 12.13 -20.02 -1.05
C LEU A 846 13.19 -21.07 -1.35
N ASP A 847 14.36 -20.61 -1.79
CA ASP A 847 15.59 -21.40 -1.72
C ASP A 847 16.49 -20.94 -0.57
N ALA A 848 15.90 -20.32 0.45
CA ALA A 848 16.66 -19.80 1.58
C ALA A 848 17.15 -20.93 2.48
N ASN A 849 18.22 -20.66 3.20
CA ASN A 849 18.82 -21.64 4.11
C ASN A 849 19.49 -20.88 5.25
N ASP A 850 20.33 -21.57 6.01
CA ASP A 850 20.97 -21.04 7.21
C ASP A 850 22.46 -20.85 6.96
N GLU A 851 22.82 -19.70 6.41
CA GLU A 851 24.22 -19.27 6.26
C GLU A 851 24.22 -17.80 5.89
N LEU A 852 25.41 -17.26 5.60
CA LEU A 852 25.54 -15.87 5.20
C LEU A 852 25.14 -15.63 3.75
N THR A 853 24.95 -16.68 2.96
CA THR A 853 24.48 -16.57 1.58
C THR A 853 23.32 -17.55 1.36
N PRO A 854 22.19 -17.33 2.02
CA PRO A 854 21.06 -18.27 1.89
C PRO A 854 20.35 -18.20 0.56
N LEU A 855 20.63 -17.20 -0.27
CA LEU A 855 19.94 -16.98 -1.54
C LEU A 855 18.46 -16.70 -1.32
N GLY A 856 17.73 -16.36 -2.37
CA GLY A 856 16.31 -16.15 -2.23
C GLY A 856 15.56 -16.00 -3.54
N ARG A 857 14.50 -16.77 -3.71
CA ARG A 857 13.60 -16.65 -4.84
C ARG A 857 12.19 -16.88 -4.35
N LEU A 858 11.22 -16.25 -5.02
CA LEU A 858 9.81 -16.26 -4.63
C LEU A 858 9.60 -15.55 -3.30
N LEU A 859 8.40 -15.01 -3.09
CA LEU A 859 8.02 -14.21 -1.93
C LEU A 859 8.73 -12.86 -1.94
N ALA A 860 9.62 -12.66 -2.91
CA ALA A 860 10.29 -11.40 -3.14
C ALA A 860 9.93 -10.78 -4.48
N ARG A 861 9.91 -11.60 -5.54
CA ARG A 861 9.38 -11.16 -6.83
C ARG A 861 7.86 -11.10 -6.83
N LEU A 862 7.22 -11.79 -5.90
CA LEU A 862 5.78 -11.65 -5.70
C LEU A 862 5.51 -10.32 -5.01
N PRO A 863 4.68 -9.44 -5.56
CA PRO A 863 4.53 -8.10 -4.98
C PRO A 863 3.62 -8.08 -3.75
N ILE A 864 3.81 -9.06 -2.86
CA ILE A 864 3.02 -9.17 -1.63
C ILE A 864 3.99 -9.58 -0.53
N GLU A 865 3.57 -9.35 0.72
CA GLU A 865 4.41 -9.69 1.87
C GLU A 865 4.75 -11.18 1.84
N PRO A 866 5.93 -11.55 2.33
CA PRO A 866 6.36 -12.97 2.25
C PRO A 866 5.39 -13.93 2.91
N ARG A 867 4.76 -13.55 4.02
CA ARG A 867 3.81 -14.44 4.67
C ARG A 867 2.64 -14.76 3.76
N LEU A 868 2.09 -13.73 3.10
CA LEU A 868 0.95 -13.96 2.23
C LEU A 868 1.35 -14.72 0.97
N GLY A 869 2.58 -14.53 0.48
CA GLY A 869 3.04 -15.36 -0.62
C GLY A 869 3.19 -16.82 -0.23
N LYS A 870 3.68 -17.07 0.99
CA LYS A 870 3.75 -18.43 1.50
C LYS A 870 2.38 -19.07 1.56
N MET A 871 1.40 -18.31 2.06
CA MET A 871 0.03 -18.82 2.13
C MET A 871 -0.53 -19.03 0.72
N MET A 872 -0.13 -18.19 -0.23
CA MET A 872 -0.53 -18.37 -1.62
C MET A 872 -0.02 -19.69 -2.17
N VAL A 873 1.27 -19.98 -1.94
CA VAL A 873 1.85 -21.23 -2.43
C VAL A 873 1.17 -22.42 -1.76
N LEU A 874 0.89 -22.33 -0.46
CA LEU A 874 0.18 -23.41 0.20
C LEU A 874 -1.21 -23.60 -0.38
N GLY A 875 -1.90 -22.51 -0.68
CA GLY A 875 -3.20 -22.63 -1.33
C GLY A 875 -3.11 -23.25 -2.72
N ALA A 876 -2.03 -22.96 -3.43
CA ALA A 876 -1.80 -23.61 -4.73
C ALA A 876 -1.54 -25.11 -4.55
N VAL A 877 -0.99 -25.50 -3.40
CA VAL A 877 -0.77 -26.91 -3.13
C VAL A 877 -2.10 -27.63 -2.93
N PHE A 878 -3.01 -27.01 -2.18
CA PHE A 878 -4.28 -27.63 -1.82
C PHE A 878 -5.35 -27.46 -2.89
N GLY A 879 -5.07 -26.77 -3.98
CA GLY A 879 -6.05 -26.54 -5.01
C GLY A 879 -7.01 -25.40 -4.76
N CYS A 880 -6.84 -24.68 -3.65
CA CYS A 880 -7.68 -23.53 -3.31
C CYS A 880 -6.97 -22.22 -3.57
N ALA A 881 -6.18 -22.14 -4.65
CA ALA A 881 -5.35 -20.97 -4.89
C ALA A 881 -6.18 -19.72 -5.18
N ASP A 882 -7.35 -19.87 -5.78
CA ASP A 882 -8.15 -18.71 -6.14
C ASP A 882 -8.69 -18.01 -4.89
N LEU A 883 -9.27 -18.78 -3.97
CA LEU A 883 -9.78 -18.19 -2.74
C LEU A 883 -8.66 -17.56 -1.93
N MET A 884 -7.52 -18.22 -1.83
CA MET A 884 -6.41 -17.65 -1.09
C MET A 884 -5.91 -16.37 -1.75
N ALA A 885 -5.89 -16.35 -3.09
CA ALA A 885 -5.46 -15.15 -3.80
C ALA A 885 -6.38 -13.98 -3.52
N ILE A 886 -7.70 -14.21 -3.57
CA ILE A 886 -8.61 -13.09 -3.37
C ILE A 886 -8.59 -12.63 -1.91
N MET A 887 -8.47 -13.58 -0.96
CA MET A 887 -8.32 -13.19 0.44
C MET A 887 -7.05 -12.38 0.67
N ALA A 888 -5.94 -12.77 0.04
CA ALA A 888 -4.71 -12.01 0.18
C ALA A 888 -4.84 -10.63 -0.43
N SER A 889 -5.50 -10.52 -1.58
CA SER A 889 -5.71 -9.21 -2.20
C SER A 889 -6.54 -8.32 -1.31
N TYR A 890 -7.56 -8.86 -0.66
CA TYR A 890 -8.39 -8.07 0.24
C TYR A 890 -7.65 -7.72 1.53
N SER A 891 -6.77 -8.61 2.00
CA SER A 891 -6.04 -8.37 3.25
C SER A 891 -4.86 -7.44 3.07
N SER A 892 -4.34 -7.30 1.85
CA SER A 892 -3.22 -6.40 1.58
C SER A 892 -3.65 -5.03 1.09
N THR A 893 -4.96 -4.77 1.06
CA THR A 893 -5.51 -3.50 0.61
C THR A 893 -6.29 -2.84 1.73
N PHE A 894 -6.10 -1.53 1.91
CA PHE A 894 -6.75 -0.79 2.98
C PHE A 894 -8.17 -0.36 2.64
N SER A 895 -8.63 -0.63 1.42
CA SER A 895 -9.97 -0.25 1.03
C SER A 895 -11.01 -1.08 1.76
N GLU A 896 -12.21 -0.53 1.91
CA GLU A 896 -13.29 -1.16 2.66
C GLU A 896 -14.26 -1.84 1.70
N VAL A 897 -14.72 -3.04 2.08
CA VAL A 897 -15.61 -3.81 1.21
C VAL A 897 -17.03 -3.27 1.27
N PHE A 898 -17.41 -2.65 2.39
CA PHE A 898 -18.78 -2.19 2.60
C PHE A 898 -18.79 -0.68 2.83
N SER A 899 -19.71 0.01 2.15
CA SER A 899 -19.88 1.44 2.36
C SER A 899 -20.95 1.68 3.43
N LEU A 900 -20.58 2.44 4.46
CA LEU A 900 -21.47 2.75 5.57
C LEU A 900 -22.11 4.12 5.33
N ASP A 901 -23.40 4.22 5.64
CA ASP A 901 -24.13 5.46 5.44
C ASP A 901 -23.60 6.54 6.38
N ILE A 902 -24.20 7.72 6.32
CA ILE A 902 -23.67 8.87 7.06
C ILE A 902 -24.08 8.74 8.53
N GLY A 903 -23.22 8.08 9.32
CA GLY A 903 -23.44 7.91 10.73
C GLY A 903 -24.11 6.58 11.05
N GLN A 904 -23.33 5.60 11.47
CA GLN A 904 -23.81 4.26 11.81
C GLN A 904 -22.82 3.62 12.77
N ARG A 905 -23.22 2.49 13.34
CA ARG A 905 -22.33 1.69 14.18
C ARG A 905 -21.97 0.34 13.57
N ARG A 906 -22.68 -0.10 12.52
CA ARG A 906 -22.44 -1.39 11.90
C ARG A 906 -23.22 -1.43 10.59
N LEU A 907 -23.26 -2.60 9.97
CA LEU A 907 -24.09 -2.85 8.80
C LEU A 907 -25.45 -3.36 9.28
N ALA A 908 -26.52 -2.72 8.84
CA ALA A 908 -27.82 -2.96 9.45
C ALA A 908 -28.31 -4.39 9.29
N ASN A 909 -28.71 -4.78 8.08
CA ASN A 909 -29.11 -6.18 7.89
C ASN A 909 -28.53 -6.81 6.63
N HIS A 910 -28.49 -6.08 5.52
CA HIS A 910 -28.22 -6.72 4.23
C HIS A 910 -26.73 -6.88 3.96
N GLN A 911 -25.90 -5.94 4.43
CA GLN A 911 -24.46 -6.13 4.33
C GLN A 911 -23.99 -7.17 5.33
N LYS A 912 -24.72 -7.35 6.43
CA LYS A 912 -24.43 -8.44 7.36
C LYS A 912 -24.90 -9.78 6.82
N ALA A 913 -25.91 -9.77 5.95
CA ALA A 913 -26.46 -11.03 5.43
C ALA A 913 -25.45 -11.77 4.55
N LEU A 914 -24.50 -11.05 3.95
CA LEU A 914 -23.54 -11.70 3.07
C LEU A 914 -22.65 -12.70 3.83
N SER A 915 -22.20 -12.33 5.03
CA SER A 915 -21.42 -13.27 5.82
C SER A 915 -22.28 -14.43 6.32
N GLY A 916 -23.52 -14.14 6.70
CA GLY A 916 -24.43 -15.20 7.11
C GLY A 916 -23.95 -15.94 8.35
N THR A 917 -23.93 -17.27 8.26
CA THR A 917 -23.57 -18.12 9.38
C THR A 917 -22.07 -18.23 9.59
N LYS A 918 -21.25 -17.77 8.65
CA LYS A 918 -19.80 -17.83 8.83
C LYS A 918 -19.31 -16.78 9.81
N CYS A 919 -20.02 -15.66 9.93
CA CYS A 919 -19.64 -14.56 10.83
C CYS A 919 -18.23 -14.06 10.53
N SER A 920 -17.97 -13.77 9.27
CA SER A 920 -16.64 -13.34 8.85
C SER A 920 -16.75 -12.30 7.73
N ASP A 921 -15.83 -11.33 7.74
CA ASP A 921 -15.76 -10.38 6.64
C ASP A 921 -15.10 -10.98 5.40
N HIS A 922 -14.20 -11.95 5.56
CA HIS A 922 -13.58 -12.54 4.38
C HIS A 922 -14.58 -13.35 3.56
N VAL A 923 -15.49 -14.09 4.22
CA VAL A 923 -16.47 -14.88 3.49
C VAL A 923 -17.48 -13.97 2.77
N ALA A 924 -17.97 -12.95 3.47
CA ALA A 924 -18.88 -12.00 2.85
C ALA A 924 -18.18 -11.27 1.70
N MET A 925 -16.92 -10.92 1.91
CA MET A 925 -16.12 -10.30 0.87
C MET A 925 -16.01 -11.21 -0.35
N ILE A 926 -15.76 -12.51 -0.15
CA ILE A 926 -15.66 -13.42 -1.28
C ILE A 926 -16.98 -13.51 -2.02
N VAL A 927 -18.08 -13.72 -1.31
CA VAL A 927 -19.37 -13.91 -1.98
C VAL A 927 -19.75 -12.63 -2.73
N ALA A 928 -19.54 -11.47 -2.11
CA ALA A 928 -19.82 -10.21 -2.77
C ALA A 928 -18.99 -10.04 -4.02
N SER A 929 -17.71 -10.42 -3.95
CA SER A 929 -16.86 -10.29 -5.14
C SER A 929 -17.34 -11.19 -6.27
N GLN A 930 -17.72 -12.43 -5.96
CA GLN A 930 -18.19 -13.31 -7.04
C GLN A 930 -19.45 -12.76 -7.70
N MET A 931 -20.45 -12.38 -6.91
CA MET A 931 -21.70 -11.96 -7.54
C MET A 931 -21.56 -10.58 -8.17
N TRP A 932 -20.62 -9.76 -7.67
CA TRP A 932 -20.29 -8.50 -8.32
C TRP A 932 -19.65 -8.76 -9.67
N ARG A 933 -18.77 -9.75 -9.74
CA ARG A 933 -18.15 -10.16 -11.00
C ARG A 933 -19.24 -10.60 -11.96
N ARG A 934 -20.24 -11.32 -11.47
CA ARG A 934 -21.35 -11.76 -12.31
C ARG A 934 -22.10 -10.56 -12.89
N GLU A 935 -22.48 -9.61 -12.03
CA GLU A 935 -23.20 -8.42 -12.48
C GLU A 935 -22.37 -7.59 -13.46
N LYS A 936 -21.06 -7.50 -13.24
CA LYS A 936 -20.18 -6.80 -14.17
C LYS A 936 -20.05 -7.51 -15.51
N GLN A 937 -19.97 -8.84 -15.49
CA GLN A 937 -19.92 -9.61 -16.72
C GLN A 937 -21.19 -9.39 -17.52
N ARG A 938 -22.32 -9.30 -16.83
CA ARG A 938 -23.57 -8.86 -17.43
C ARG A 938 -23.69 -7.34 -17.36
N GLY A 939 -24.87 -6.79 -17.65
CA GLY A 939 -25.06 -5.36 -17.78
C GLY A 939 -24.42 -4.46 -16.73
N GLU A 940 -23.65 -3.48 -17.21
CA GLU A 940 -22.95 -2.55 -16.33
C GLU A 940 -23.91 -1.78 -15.44
N HIS A 941 -25.08 -1.42 -15.95
CA HIS A 941 -26.04 -0.64 -15.16
C HIS A 941 -26.34 -1.33 -13.84
N MET A 942 -26.74 -2.59 -13.89
CA MET A 942 -27.03 -3.30 -12.64
C MET A 942 -25.77 -3.61 -11.86
N GLU A 943 -24.60 -3.63 -12.49
CA GLU A 943 -23.37 -3.69 -11.71
C GLU A 943 -23.32 -2.48 -10.77
N ALA A 944 -23.51 -1.29 -11.31
CA ALA A 944 -23.49 -0.07 -10.49
C ALA A 944 -24.62 -0.07 -9.47
N ARG A 945 -25.82 -0.45 -9.93
CA ARG A 945 -27.01 -0.43 -9.09
C ARG A 945 -26.83 -1.39 -7.92
N PHE A 946 -26.28 -2.57 -8.18
CA PHE A 946 -25.94 -3.54 -7.15
C PHE A 946 -24.89 -2.99 -6.18
N CYS A 947 -23.86 -2.34 -6.73
CA CYS A 947 -22.83 -1.74 -5.88
C CYS A 947 -23.45 -0.78 -4.88
N ASP A 948 -24.42 0.02 -5.34
CA ASP A 948 -25.10 0.93 -4.42
C ASP A 948 -26.09 0.19 -3.53
N TRP A 949 -26.71 -0.87 -4.05
CA TRP A 949 -27.82 -1.53 -3.37
C TRP A 949 -27.36 -2.38 -2.20
N LYS A 950 -26.27 -3.12 -2.37
CA LYS A 950 -25.70 -3.92 -1.29
C LYS A 950 -24.58 -3.19 -0.57
N GLY A 951 -24.35 -1.93 -0.88
CA GLY A 951 -23.33 -1.15 -0.21
C GLY A 951 -21.92 -1.60 -0.46
N LEU A 952 -21.58 -1.91 -1.71
CA LEU A 952 -20.22 -2.29 -2.08
C LEU A 952 -19.60 -1.18 -2.94
N GLN A 953 -18.28 -1.10 -2.89
CA GLN A 953 -17.55 -0.05 -3.59
C GLN A 953 -16.92 -0.60 -4.85
N MET A 954 -17.19 0.05 -5.99
CA MET A 954 -16.67 -0.41 -7.26
C MET A 954 -15.15 -0.37 -7.28
N SER A 955 -14.55 0.69 -6.72
CA SER A 955 -13.10 0.81 -6.71
C SER A 955 -12.46 -0.32 -5.90
N THR A 956 -13.03 -0.64 -4.74
CA THR A 956 -12.48 -1.70 -3.90
C THR A 956 -12.55 -3.04 -4.63
N MET A 957 -13.69 -3.36 -5.23
CA MET A 957 -13.83 -4.62 -5.95
C MET A 957 -12.84 -4.70 -7.11
N ASN A 958 -12.68 -3.59 -7.85
CA ASN A 958 -11.72 -3.59 -8.95
C ASN A 958 -10.30 -3.80 -8.46
N VAL A 959 -9.95 -3.18 -7.32
CA VAL A 959 -8.60 -3.34 -6.79
C VAL A 959 -8.34 -4.79 -6.40
N ILE A 960 -9.27 -5.39 -5.65
CA ILE A 960 -9.07 -6.79 -5.24
C ILE A 960 -9.06 -7.71 -6.44
N TRP A 961 -9.87 -7.42 -7.46
CA TRP A 961 -9.92 -8.28 -8.63
C TRP A 961 -8.60 -8.23 -9.39
N ASP A 962 -8.09 -7.01 -9.63
CA ASP A 962 -6.83 -6.86 -10.35
C ASP A 962 -5.67 -7.48 -9.58
N ALA A 963 -5.64 -7.28 -8.26
CA ALA A 963 -4.58 -7.89 -7.45
C ALA A 963 -4.67 -9.42 -7.49
N LYS A 964 -5.89 -9.97 -7.45
CA LYS A 964 -6.05 -11.41 -7.53
C LYS A 964 -5.50 -11.96 -8.85
N GLN A 965 -5.88 -11.32 -9.97
CA GLN A 965 -5.37 -11.83 -11.24
C GLN A 965 -3.86 -11.65 -11.37
N GLN A 966 -3.31 -10.55 -10.85
CA GLN A 966 -1.86 -10.39 -10.90
C GLN A 966 -1.15 -11.48 -10.11
N LEU A 967 -1.66 -11.80 -8.91
CA LEU A 967 -1.03 -12.84 -8.10
C LEU A 967 -1.16 -14.20 -8.76
N LEU A 968 -2.34 -14.51 -9.31
CA LEU A 968 -2.53 -15.78 -9.99
C LEU A 968 -1.60 -15.90 -11.20
N ASP A 969 -1.44 -14.81 -11.96
CA ASP A 969 -0.51 -14.84 -13.09
C ASP A 969 0.91 -15.08 -12.60
N LEU A 970 1.38 -14.29 -11.64
CA LEU A 970 2.75 -14.45 -11.16
C LEU A 970 2.99 -15.82 -10.54
N LEU A 971 1.94 -16.49 -10.08
CA LEU A 971 2.09 -17.90 -9.72
C LEU A 971 2.14 -18.80 -10.96
N GLN A 972 1.40 -18.46 -12.01
CA GLN A 972 1.43 -19.25 -13.24
C GLN A 972 2.83 -19.26 -13.85
N GLN A 973 3.45 -18.09 -13.98
CA GLN A 973 4.82 -18.04 -14.49
C GLN A 973 5.83 -18.60 -13.52
N ALA A 974 5.45 -18.88 -12.26
CA ALA A 974 6.37 -19.53 -11.33
C ALA A 974 6.44 -21.03 -11.52
N GLY A 975 5.53 -21.62 -12.29
CA GLY A 975 5.54 -23.05 -12.55
C GLY A 975 4.33 -23.81 -12.01
N PHE A 976 3.37 -23.12 -11.41
CA PHE A 976 2.19 -23.78 -10.87
C PHE A 976 1.11 -23.88 -11.95
N PRO A 977 0.54 -25.05 -12.19
CA PRO A 977 -0.42 -25.21 -13.29
C PRO A 977 -1.70 -24.43 -13.04
N GLU A 978 -2.37 -24.08 -14.14
CA GLU A 978 -3.66 -23.40 -14.04
C GLU A 978 -4.75 -24.29 -13.49
N GLU A 979 -4.62 -25.61 -13.64
CA GLU A 979 -5.70 -26.52 -13.29
C GLU A 979 -6.00 -26.55 -11.79
N CYS A 980 -5.06 -26.16 -10.95
CA CYS A 980 -5.29 -26.07 -9.51
C CYS A 980 -5.72 -24.68 -9.06
N MET A 981 -5.84 -23.73 -10.01
CA MET A 981 -6.29 -22.38 -9.72
C MET A 981 -7.70 -22.13 -10.22
N ILE A 982 -8.45 -23.19 -10.54
CA ILE A 982 -9.83 -23.03 -10.97
C ILE A 982 -10.68 -22.56 -9.80
N SER A 983 -11.52 -21.56 -10.04
CA SER A 983 -12.31 -20.97 -8.97
C SER A 983 -13.34 -21.97 -8.46
N HIS A 984 -13.51 -21.96 -7.13
CA HIS A 984 -14.54 -22.76 -6.47
C HIS A 984 -15.60 -21.83 -5.93
N GLU A 985 -16.85 -22.04 -6.34
CA GLU A 985 -17.94 -21.20 -5.88
C GLU A 985 -18.21 -21.46 -4.41
N VAL A 986 -18.37 -20.38 -3.63
CA VAL A 986 -18.57 -20.46 -2.19
C VAL A 986 -20.06 -20.29 -1.93
N ASP A 987 -20.72 -21.38 -1.55
CA ASP A 987 -22.15 -21.37 -1.22
C ASP A 987 -22.27 -21.07 0.27
N GLU A 988 -22.48 -19.79 0.60
CA GLU A 988 -22.63 -19.39 1.99
C GLU A 988 -23.89 -19.99 2.61
N ARG A 989 -24.91 -20.29 1.81
CA ARG A 989 -26.18 -20.79 2.34
C ARG A 989 -26.02 -22.11 3.08
N ILE A 990 -25.00 -22.90 2.71
CA ILE A 990 -24.77 -24.17 3.38
C ILE A 990 -24.32 -23.90 4.81
N ASP A 991 -25.05 -24.45 5.78
CA ASP A 991 -24.76 -24.27 7.20
C ASP A 991 -23.99 -25.48 7.69
N GLY A 992 -22.68 -25.34 7.81
CA GLY A 992 -21.86 -26.41 8.34
C GLY A 992 -20.59 -26.69 7.55
N ASP A 993 -20.44 -27.93 7.10
CA ASP A 993 -19.21 -28.36 6.46
C ASP A 993 -19.06 -27.74 5.08
N ASP A 994 -17.86 -27.24 4.79
CA ASP A 994 -17.51 -26.75 3.47
C ASP A 994 -15.99 -26.85 3.31
N PRO A 995 -15.50 -27.88 2.62
CA PRO A 995 -14.05 -28.14 2.61
C PRO A 995 -13.20 -26.99 2.09
N VAL A 996 -13.58 -26.41 0.95
CA VAL A 996 -12.74 -25.38 0.34
C VAL A 996 -12.72 -24.11 1.21
N LEU A 997 -13.88 -23.70 1.74
CA LEU A 997 -13.91 -22.52 2.57
C LEU A 997 -13.20 -22.73 3.90
N ASP A 998 -13.37 -23.91 4.49
CA ASP A 998 -12.70 -24.21 5.75
C ASP A 998 -11.19 -24.23 5.59
N VAL A 999 -10.70 -24.86 4.52
CA VAL A 999 -9.26 -24.87 4.30
C VAL A 999 -8.76 -23.48 3.94
N SER A 1000 -9.60 -22.66 3.29
CA SER A 1000 -9.20 -21.28 3.01
C SER A 1000 -9.03 -20.49 4.30
N LEU A 1001 -9.96 -20.66 5.24
CA LEU A 1001 -9.82 -19.98 6.53
C LEU A 1001 -8.62 -20.52 7.30
N ALA A 1002 -8.32 -21.82 7.17
CA ALA A 1002 -7.12 -22.36 7.81
C ALA A 1002 -5.86 -21.69 7.27
N LEU A 1003 -5.75 -21.60 5.95
CA LEU A 1003 -4.57 -20.97 5.36
C LEU A 1003 -4.53 -19.48 5.64
N LEU A 1004 -5.70 -18.86 5.88
CA LEU A 1004 -5.71 -17.49 6.37
C LEU A 1004 -5.11 -17.40 7.77
N CYS A 1005 -5.47 -18.34 8.65
CA CYS A 1005 -4.84 -18.38 9.96
C CYS A 1005 -3.33 -18.53 9.83
N LEU A 1006 -2.87 -19.32 8.86
CA LEU A 1006 -1.44 -19.42 8.61
C LEU A 1006 -0.84 -18.09 8.13
N GLY A 1007 -1.53 -17.40 7.22
CA GLY A 1007 -0.97 -16.23 6.58
C GLY A 1007 -1.13 -14.92 7.31
N LEU A 1008 -1.86 -14.90 8.43
CA LEU A 1008 -2.07 -13.66 9.19
C LEU A 1008 -1.57 -13.78 10.63
N TYR A 1009 -0.63 -14.68 10.86
CA TYR A 1009 0.00 -14.78 12.17
C TYR A 1009 0.75 -13.48 12.46
N PRO A 1010 0.71 -12.97 13.71
CA PRO A 1010 0.02 -13.47 14.90
C PRO A 1010 -1.25 -12.72 15.25
N ASN A 1011 -2.08 -12.43 14.25
CA ASN A 1011 -3.32 -11.70 14.48
C ASN A 1011 -4.45 -12.68 14.80
N ILE A 1012 -4.45 -13.14 16.05
CA ILE A 1012 -5.48 -14.03 16.58
C ILE A 1012 -6.02 -13.41 17.86
N CYS A 1013 -7.34 -13.31 17.96
CA CYS A 1013 -7.98 -12.69 19.11
C CYS A 1013 -9.13 -13.57 19.59
N VAL A 1014 -9.48 -13.39 20.86
CA VAL A 1014 -10.54 -14.16 21.50
C VAL A 1014 -11.63 -13.21 21.98
N HIS A 1015 -12.86 -13.45 21.54
CA HIS A 1015 -13.98 -12.64 21.97
C HIS A 1015 -14.40 -13.00 23.39
N LYS A 1016 -14.60 -11.98 24.23
CA LYS A 1016 -15.02 -12.22 25.61
C LYS A 1016 -16.49 -11.89 25.84
N GLU A 1017 -16.89 -10.65 25.55
CA GLU A 1017 -18.28 -10.23 25.70
C GLU A 1017 -18.46 -8.91 24.98
N LYS A 1018 -19.67 -8.72 24.44
CA LYS A 1018 -20.07 -7.48 23.76
C LYS A 1018 -19.08 -7.22 22.63
N ARG A 1019 -18.31 -6.14 22.65
CA ARG A 1019 -17.34 -5.83 21.61
C ARG A 1019 -15.91 -6.00 22.07
N LYS A 1020 -15.68 -6.68 23.19
CA LYS A 1020 -14.36 -6.79 23.78
C LYS A 1020 -13.68 -8.08 23.39
N VAL A 1021 -12.41 -7.98 22.96
CA VAL A 1021 -11.61 -9.13 22.60
C VAL A 1021 -10.24 -9.00 23.24
N LEU A 1022 -9.56 -10.12 23.37
CA LEU A 1022 -8.20 -10.18 23.89
C LEU A 1022 -7.26 -10.58 22.75
N THR A 1023 -6.21 -9.79 22.57
CA THR A 1023 -5.13 -10.04 21.62
C THR A 1023 -3.91 -10.46 22.44
N THR A 1024 -2.83 -10.83 21.74
CA THR A 1024 -1.65 -11.41 22.37
C THR A 1024 -1.21 -10.62 23.59
N GLU A 1025 -0.65 -11.33 24.58
CA GLU A 1025 -0.35 -10.82 25.90
C GLU A 1025 -1.60 -10.35 26.64
N SER A 1026 -2.76 -10.89 26.26
CA SER A 1026 -4.04 -10.59 26.91
C SER A 1026 -4.29 -9.08 26.94
N LYS A 1027 -4.14 -8.45 25.78
CA LYS A 1027 -4.34 -7.02 25.62
C LYS A 1027 -5.76 -6.77 25.12
N ALA A 1028 -6.46 -5.86 25.78
CA ALA A 1028 -7.84 -5.57 25.42
C ALA A 1028 -7.91 -4.87 24.08
N ALA A 1029 -9.00 -5.13 23.35
CA ALA A 1029 -9.25 -4.45 22.09
C ALA A 1029 -10.74 -4.49 21.80
N LEU A 1030 -11.17 -3.60 20.91
CA LEU A 1030 -12.57 -3.47 20.54
C LEU A 1030 -12.75 -3.85 19.08
N LEU A 1031 -13.76 -4.67 18.80
CA LEU A 1031 -14.08 -5.02 17.42
C LEU A 1031 -14.43 -3.77 16.63
N HIS A 1032 -13.91 -3.67 15.41
CA HIS A 1032 -14.18 -2.49 14.60
C HIS A 1032 -15.66 -2.43 14.25
N LYS A 1033 -16.20 -1.22 14.27
CA LYS A 1033 -17.62 -1.02 13.99
C LYS A 1033 -17.98 -1.41 12.56
N THR A 1034 -16.99 -1.41 11.66
CA THR A 1034 -17.22 -1.73 10.27
C THR A 1034 -17.42 -3.23 10.02
N SER A 1035 -16.86 -4.09 10.86
CA SER A 1035 -16.89 -5.52 10.61
C SER A 1035 -18.29 -6.08 10.82
N VAL A 1036 -18.51 -7.30 10.30
CA VAL A 1036 -19.79 -7.97 10.46
C VAL A 1036 -19.97 -8.60 11.83
N ASN A 1037 -18.90 -8.72 12.61
CA ASN A 1037 -18.99 -9.32 13.93
C ASN A 1037 -19.40 -8.33 15.01
N CYS A 1038 -19.62 -7.06 14.66
CA CYS A 1038 -20.01 -6.05 15.62
C CYS A 1038 -21.54 -5.92 15.65
N SER A 1039 -22.09 -5.86 16.86
CA SER A 1039 -23.52 -5.73 17.05
C SER A 1039 -23.79 -5.06 18.39
N ASN A 1040 -24.88 -4.28 18.45
CA ASN A 1040 -25.27 -3.62 19.68
C ASN A 1040 -26.07 -4.53 20.62
N LEU A 1041 -26.49 -5.70 20.15
CA LEU A 1041 -27.20 -6.66 20.97
C LEU A 1041 -26.22 -7.62 21.64
N ALA A 1042 -26.72 -8.38 22.61
CA ALA A 1042 -25.93 -9.40 23.29
C ALA A 1042 -25.85 -10.62 22.37
N VAL A 1043 -24.88 -10.57 21.46
CA VAL A 1043 -24.71 -11.60 20.44
C VAL A 1043 -23.51 -12.46 20.80
N THR A 1044 -23.69 -13.77 20.77
CA THR A 1044 -22.63 -14.73 21.01
C THR A 1044 -22.31 -15.49 19.74
N PHE A 1045 -21.04 -15.84 19.56
CA PHE A 1045 -20.61 -16.51 18.35
C PHE A 1045 -20.38 -18.00 18.59
N PRO A 1046 -20.56 -18.83 17.57
CA PRO A 1046 -20.31 -20.28 17.76
C PRO A 1046 -18.89 -20.57 18.22
N TYR A 1047 -17.91 -19.83 17.73
CA TYR A 1047 -16.53 -19.96 18.17
C TYR A 1047 -15.97 -18.58 18.49
N PRO A 1048 -15.15 -18.47 19.54
CA PRO A 1048 -14.65 -17.16 19.95
C PRO A 1048 -13.33 -16.75 19.31
N PHE A 1049 -12.69 -17.62 18.54
CA PHE A 1049 -11.40 -17.33 17.93
C PHE A 1049 -11.61 -16.59 16.61
N PHE A 1050 -10.99 -15.43 16.48
CA PHE A 1050 -11.07 -14.62 15.27
C PHE A 1050 -9.65 -14.30 14.80
N VAL A 1051 -9.51 -14.09 13.50
CA VAL A 1051 -8.28 -13.58 12.91
C VAL A 1051 -8.61 -12.30 12.15
N PHE A 1052 -7.84 -11.26 12.38
CA PHE A 1052 -8.14 -9.93 11.85
C PHE A 1052 -6.98 -9.41 11.01
N GLY A 1053 -7.32 -8.61 10.01
CA GLY A 1053 -6.33 -8.08 9.09
C GLY A 1053 -5.40 -7.05 9.69
N GLU A 1054 -5.93 -5.87 10.03
CA GLU A 1054 -5.13 -4.79 10.58
C GLU A 1054 -5.77 -4.25 11.85
N LYS A 1055 -5.03 -3.40 12.54
CA LYS A 1055 -5.44 -2.78 13.80
C LYS A 1055 -5.36 -1.27 13.63
N ILE A 1056 -6.51 -0.63 13.49
CA ILE A 1056 -6.57 0.82 13.32
C ILE A 1056 -6.65 1.46 14.70
N ARG A 1057 -5.61 2.18 15.09
CA ARG A 1057 -5.59 2.90 16.36
C ARG A 1057 -6.04 4.35 16.21
N THR A 1058 -7.21 4.56 15.59
CA THR A 1058 -7.72 5.92 15.43
C THR A 1058 -8.10 6.51 16.79
N ARG A 1059 -8.90 5.79 17.56
CA ARG A 1059 -9.28 6.20 18.91
C ARG A 1059 -8.88 5.18 19.96
N ALA A 1060 -9.04 3.89 19.68
CA ALA A 1060 -8.62 2.82 20.57
C ALA A 1060 -8.15 1.66 19.73
N VAL A 1061 -7.65 0.62 20.39
CA VAL A 1061 -7.14 -0.56 19.68
C VAL A 1061 -8.32 -1.27 19.04
N SER A 1062 -8.45 -1.16 17.72
CA SER A 1062 -9.58 -1.72 16.98
C SER A 1062 -9.07 -2.66 15.91
N CYS A 1063 -9.65 -3.85 15.82
CA CYS A 1063 -9.23 -4.87 14.87
C CYS A 1063 -10.27 -4.98 13.76
N LYS A 1064 -9.82 -4.89 12.51
CA LYS A 1064 -10.73 -4.99 11.37
C LYS A 1064 -10.35 -6.18 10.50
N GLN A 1065 -11.17 -6.44 9.48
CA GLN A 1065 -11.03 -7.59 8.59
C GLN A 1065 -11.05 -8.90 9.39
N LEU A 1066 -12.20 -9.14 10.02
CA LEU A 1066 -12.35 -10.21 11.00
C LEU A 1066 -12.89 -11.47 10.34
N SER A 1067 -12.43 -12.63 10.81
CA SER A 1067 -12.99 -13.90 10.37
C SER A 1067 -12.90 -14.90 11.50
N MET A 1068 -14.03 -15.56 11.79
CA MET A 1068 -14.09 -16.54 12.87
C MET A 1068 -13.57 -17.88 12.40
N VAL A 1069 -12.71 -18.50 13.22
CA VAL A 1069 -12.05 -19.74 12.85
C VAL A 1069 -12.19 -20.73 14.00
N SER A 1070 -12.26 -22.01 13.66
CA SER A 1070 -12.40 -23.06 14.65
CA SER A 1070 -12.40 -23.06 14.65
C SER A 1070 -11.09 -23.25 15.41
N PRO A 1071 -11.13 -23.87 16.60
CA PRO A 1071 -9.88 -24.10 17.34
C PRO A 1071 -8.85 -24.90 16.59
N LEU A 1072 -9.26 -25.87 15.75
CA LEU A 1072 -8.30 -26.70 15.06
C LEU A 1072 -7.46 -25.90 14.07
N GLN A 1073 -8.08 -24.94 13.39
CA GLN A 1073 -7.34 -24.07 12.48
C GLN A 1073 -6.28 -23.27 13.24
N VAL A 1074 -6.63 -22.75 14.42
CA VAL A 1074 -5.67 -22.02 15.22
C VAL A 1074 -4.54 -22.94 15.67
N ILE A 1075 -4.89 -24.18 16.07
CA ILE A 1075 -3.87 -25.11 16.54
C ILE A 1075 -2.89 -25.45 15.43
N LEU A 1076 -3.39 -25.69 14.22
CA LEU A 1076 -2.51 -26.09 13.11
C LEU A 1076 -1.75 -24.90 12.54
N PHE A 1077 -2.47 -23.93 11.99
CA PHE A 1077 -1.85 -22.91 11.15
C PHE A 1077 -1.58 -21.62 11.92
N GLY A 1078 -2.60 -21.06 12.55
CA GLY A 1078 -2.45 -19.80 13.26
C GLY A 1078 -1.75 -19.94 14.60
N SER A 1079 -0.63 -20.64 14.63
CA SER A 1079 0.12 -20.81 15.88
C SER A 1079 1.58 -21.07 15.54
N ARG A 1080 2.45 -20.78 16.51
CA ARG A 1080 3.87 -21.05 16.38
C ARG A 1080 4.48 -21.70 17.61
N LYS A 1081 3.87 -21.59 18.79
CA LYS A 1081 4.37 -22.20 20.01
C LYS A 1081 3.31 -23.12 20.58
N ILE A 1082 3.68 -24.37 20.85
CA ILE A 1082 2.79 -25.36 21.43
C ILE A 1082 3.50 -25.96 22.65
N ASP A 1083 2.82 -25.95 23.79
CA ASP A 1083 3.40 -26.47 25.02
C ASP A 1083 2.35 -27.22 25.80
N LEU A 1084 2.80 -28.02 26.76
CA LEU A 1084 1.94 -28.75 27.67
C LEU A 1084 2.01 -28.11 29.05
N ALA A 1085 0.89 -27.65 29.55
CA ALA A 1085 0.80 -27.02 30.86
C ALA A 1085 0.23 -28.03 31.87
N ALA A 1086 -0.05 -27.55 33.08
CA ALA A 1086 -0.59 -28.42 34.11
C ALA A 1086 -2.01 -28.83 33.78
N ASN A 1087 -2.44 -29.92 34.42
CA ASN A 1087 -3.79 -30.48 34.24
C ASN A 1087 -4.06 -30.86 32.79
N ASN A 1088 -3.01 -31.27 32.08
CA ASN A 1088 -3.11 -31.68 30.68
C ASN A 1088 -3.77 -30.61 29.82
N ILE A 1089 -3.38 -29.36 30.04
CA ILE A 1089 -3.90 -28.21 29.31
C ILE A 1089 -2.84 -27.76 28.32
N VAL A 1090 -3.23 -27.61 27.05
CA VAL A 1090 -2.31 -27.23 25.99
C VAL A 1090 -2.24 -25.72 25.93
N ARG A 1091 -1.00 -25.20 25.94
CA ARG A 1091 -0.74 -23.77 25.81
C ARG A 1091 -0.36 -23.46 24.36
N VAL A 1092 -1.12 -22.55 23.75
CA VAL A 1092 -0.88 -22.13 22.38
C VAL A 1092 -0.44 -20.67 22.42
N ASP A 1093 0.76 -20.40 21.88
CA ASP A 1093 1.34 -19.06 21.86
C ASP A 1093 1.45 -18.46 23.25
N ASN A 1094 1.57 -19.32 24.26
CA ASN A 1094 1.75 -18.96 25.67
C ASN A 1094 0.59 -18.15 26.24
N TRP A 1095 -0.50 -17.99 25.50
CA TRP A 1095 -1.66 -17.27 26.03
C TRP A 1095 -2.99 -17.95 25.77
N LEU A 1096 -3.05 -19.03 25.00
CA LEU A 1096 -4.30 -19.70 24.68
C LEU A 1096 -4.36 -21.04 25.40
N ASN A 1097 -5.47 -21.28 26.10
CA ASN A 1097 -5.67 -22.51 26.86
C ASN A 1097 -6.57 -23.45 26.07
N PHE A 1098 -6.16 -24.71 25.95
CA PHE A 1098 -6.95 -25.72 25.27
C PHE A 1098 -7.00 -26.98 26.11
N ASP A 1099 -8.08 -27.74 25.95
CA ASP A 1099 -8.21 -29.05 26.59
C ASP A 1099 -8.21 -30.11 25.49
N ILE A 1100 -7.15 -30.92 25.45
CA ILE A 1100 -6.99 -31.94 24.43
C ILE A 1100 -5.98 -32.95 24.95
N GLU A 1101 -6.03 -34.16 24.40
CA GLU A 1101 -5.07 -35.17 24.78
C GLU A 1101 -3.67 -34.74 24.34
N PRO A 1102 -2.67 -34.82 25.21
CA PRO A 1102 -1.33 -34.34 24.82
C PRO A 1102 -0.74 -35.03 23.61
N GLU A 1103 -1.05 -36.32 23.40
CA GLU A 1103 -0.51 -37.02 22.25
C GLU A 1103 -1.02 -36.45 20.93
N LEU A 1104 -2.29 -36.05 20.89
CA LEU A 1104 -2.85 -35.49 19.67
C LEU A 1104 -2.24 -34.13 19.35
N ALA A 1105 -2.08 -33.28 20.37
CA ALA A 1105 -1.42 -31.99 20.16
C ALA A 1105 0.02 -32.18 19.72
N ALA A 1106 0.71 -33.17 20.30
CA ALA A 1106 2.08 -33.48 19.87
C ALA A 1106 2.10 -33.95 18.42
N LYS A 1107 1.11 -34.75 18.01
CA LYS A 1107 1.03 -35.20 16.63
C LYS A 1107 0.87 -34.01 15.68
N ILE A 1108 -0.01 -33.07 16.02
CA ILE A 1108 -0.18 -31.89 15.18
C ILE A 1108 1.09 -31.05 15.14
N GLY A 1109 1.73 -30.88 16.30
CA GLY A 1109 2.97 -30.12 16.35
C GLY A 1109 4.07 -30.74 15.51
N ALA A 1110 4.14 -32.07 15.49
CA ALA A 1110 5.11 -32.74 14.62
C ALA A 1110 4.67 -32.70 13.15
N LEU A 1111 3.37 -32.56 12.91
CA LEU A 1111 2.86 -32.47 11.54
C LEU A 1111 3.13 -31.11 10.93
N LYS A 1112 3.31 -30.07 11.74
CA LYS A 1112 3.63 -28.75 11.18
C LYS A 1112 4.94 -28.77 10.38
N PRO A 1113 6.05 -29.34 10.85
CA PRO A 1113 7.23 -29.46 9.97
C PRO A 1113 6.94 -30.24 8.70
N ALA A 1114 5.99 -31.16 8.74
CA ALA A 1114 5.58 -31.85 7.51
C ALA A 1114 4.98 -30.86 6.52
N LEU A 1115 4.18 -29.91 7.01
CA LEU A 1115 3.65 -28.86 6.14
C LEU A 1115 4.78 -28.01 5.58
N GLU A 1116 5.78 -27.69 6.40
CA GLU A 1116 6.91 -26.92 5.90
C GLU A 1116 7.65 -27.68 4.80
N ASP A 1117 7.89 -28.97 5.01
CA ASP A 1117 8.57 -29.77 3.99
C ASP A 1117 7.71 -29.93 2.74
N LEU A 1118 6.38 -29.96 2.90
CA LEU A 1118 5.50 -29.98 1.73
C LEU A 1118 5.65 -28.69 0.93
N ILE A 1119 5.74 -27.55 1.62
CA ILE A 1119 5.97 -26.28 0.93
C ILE A 1119 7.29 -26.32 0.17
N THR A 1120 8.34 -26.82 0.82
CA THR A 1120 9.64 -26.90 0.15
C THR A 1120 9.60 -27.82 -1.06
N VAL A 1121 8.95 -28.97 -0.94
CA VAL A 1121 8.86 -29.92 -2.05
C VAL A 1121 8.07 -29.31 -3.20
N ALA A 1122 6.97 -28.62 -2.89
CA ALA A 1122 6.19 -27.97 -3.94
C ALA A 1122 7.01 -26.89 -4.64
N CYS A 1123 7.81 -26.14 -3.88
CA CYS A 1123 8.68 -25.15 -4.50
C CYS A 1123 9.78 -25.76 -5.34
N ASP A 1124 10.24 -26.97 -4.99
CA ASP A 1124 11.30 -27.61 -5.76
C ASP A 1124 10.83 -27.93 -7.18
N ASN A 1125 9.62 -28.49 -7.31
CA ASN A 1125 9.05 -28.85 -8.60
C ASN A 1125 7.62 -28.31 -8.66
N PRO A 1126 7.46 -27.04 -9.02
CA PRO A 1126 6.11 -26.44 -9.02
C PRO A 1126 5.13 -27.09 -9.97
N SER A 1127 5.60 -27.80 -11.01
CA SER A 1127 4.70 -28.44 -11.94
C SER A 1127 4.16 -29.77 -11.45
N ASP A 1128 4.64 -30.26 -10.30
CA ASP A 1128 4.26 -31.56 -9.76
C ASP A 1128 3.65 -31.41 -8.37
N ILE A 1129 2.75 -30.45 -8.21
CA ILE A 1129 2.20 -30.18 -6.89
C ILE A 1129 0.92 -30.95 -6.59
N LEU A 1130 0.14 -31.32 -7.61
CA LEU A 1130 -0.99 -32.22 -7.37
C LEU A 1130 -0.67 -33.67 -7.68
N ARG A 1131 0.51 -33.97 -8.22
CA ARG A 1131 1.00 -35.34 -8.33
C ARG A 1131 2.24 -35.42 -7.45
N LEU A 1132 2.03 -35.65 -6.17
CA LEU A 1132 3.09 -35.77 -5.19
C LEU A 1132 3.34 -37.23 -4.88
N GLU A 1133 4.29 -37.48 -3.98
CA GLU A 1133 4.44 -38.81 -3.43
C GLU A 1133 3.21 -39.17 -2.61
N GLU A 1134 2.91 -40.46 -2.55
CA GLU A 1134 1.75 -40.92 -1.80
C GLU A 1134 1.72 -40.44 -0.36
N PRO A 1135 2.82 -40.44 0.41
CA PRO A 1135 2.74 -39.89 1.78
C PRO A 1135 2.33 -38.43 1.83
N TYR A 1136 2.82 -37.60 0.90
CA TYR A 1136 2.42 -36.20 0.91
C TYR A 1136 0.98 -36.01 0.44
N ALA A 1137 0.51 -36.85 -0.47
CA ALA A 1137 -0.91 -36.83 -0.82
C ALA A 1137 -1.76 -37.19 0.38
N GLN A 1138 -1.33 -38.18 1.18
CA GLN A 1138 -2.05 -38.52 2.39
C GLN A 1138 -2.04 -37.36 3.38
N LEU A 1139 -0.91 -36.66 3.49
CA LEU A 1139 -0.83 -35.51 4.38
C LEU A 1139 -1.79 -34.41 3.95
N VAL A 1140 -1.86 -34.13 2.65
CA VAL A 1140 -2.79 -33.12 2.15
C VAL A 1140 -4.22 -33.56 2.43
N LYS A 1141 -4.53 -34.83 2.22
CA LYS A 1141 -5.88 -35.33 2.45
C LYS A 1141 -6.28 -35.20 3.92
N VAL A 1142 -5.38 -35.59 4.83
CA VAL A 1142 -5.73 -35.54 6.24
C VAL A 1142 -5.84 -34.09 6.72
N VAL A 1143 -4.98 -33.20 6.21
CA VAL A 1143 -5.10 -31.79 6.58
C VAL A 1143 -6.42 -31.21 6.06
N LYS A 1144 -6.82 -31.57 4.85
CA LYS A 1144 -8.11 -31.12 4.33
C LYS A 1144 -9.26 -31.63 5.18
N ASP A 1145 -9.21 -32.91 5.58
CA ASP A 1145 -10.29 -33.47 6.38
C ASP A 1145 -10.29 -32.94 7.81
N LEU A 1146 -9.14 -32.45 8.28
CA LEU A 1146 -9.01 -32.00 9.65
C LEU A 1146 -9.32 -30.51 9.80
N CYS A 1147 -9.08 -29.72 8.77
CA CYS A 1147 -9.34 -28.29 8.82
C CYS A 1147 -10.81 -27.94 8.58
N VAL A 1148 -11.69 -28.93 8.66
CA VAL A 1148 -13.12 -28.68 8.46
C VAL A 1148 -13.68 -27.93 9.67
N LYS A 1149 -14.72 -27.14 9.42
CA LYS A 1149 -15.30 -26.31 10.48
C LYS A 1149 -15.83 -27.17 11.63
N SER A 1150 -16.53 -28.25 11.31
CA SER A 1150 -17.18 -29.09 12.31
C SER A 1150 -16.33 -30.27 12.77
N ALA A 1151 -15.06 -30.33 12.35
CA ALA A 1151 -14.22 -31.47 12.71
C ALA A 1151 -13.87 -31.51 14.20
N GLY A 1152 -13.97 -30.38 14.89
CA GLY A 1152 -13.62 -30.30 16.29
C GLY A 1152 -14.77 -30.31 17.27
N ASP A 1153 -15.98 -30.68 16.83
CA ASP A 1153 -17.17 -30.65 17.66
C ASP A 1153 -17.76 -32.04 17.89
N PHE A 1154 -16.92 -33.07 17.78
CA PHE A 1154 -17.36 -34.45 17.97
C PHE A 1154 -17.86 -34.64 19.40
N GLY A 1155 -19.13 -35.02 19.53
CA GLY A 1155 -19.72 -35.22 20.84
C GLY A 1155 -20.08 -33.96 21.58
N LEU A 1156 -20.06 -32.81 20.91
CA LEU A 1156 -20.39 -31.54 21.52
C LEU A 1156 -21.62 -30.94 20.84
N GLN A 1157 -22.62 -30.55 21.64
CA GLN A 1157 -23.82 -29.94 21.09
C GLN A 1157 -23.52 -28.57 20.51
N ARG A 1158 -22.67 -27.79 21.16
CA ARG A 1158 -22.32 -26.43 20.74
C ARG A 1158 -23.57 -25.56 20.59
PB ADP B . 6.95 19.30 -10.66
O1B ADP B . 7.96 19.19 -11.79
O2B ADP B . 7.43 20.17 -9.53
O3B ADP B . 6.34 17.99 -10.23
PA ADP B . 5.41 20.10 -12.88
O1A ADP B . 6.60 20.65 -13.64
O2A ADP B . 4.86 18.75 -13.26
O3A ADP B . 5.71 20.11 -11.30
O5' ADP B . 4.23 21.18 -13.00
C5' ADP B . 3.98 21.86 -14.23
C4' ADP B . 2.54 22.34 -14.22
O4' ADP B . 1.75 21.44 -15.00
C3' ADP B . 1.97 22.34 -12.81
O3' ADP B . 1.68 23.68 -12.39
C2' ADP B . 0.71 21.51 -12.86
O2' ADP B . -0.42 22.33 -12.54
C1' ADP B . 0.59 21.01 -14.29
N9 ADP B . 0.55 19.52 -14.30
C8 ADP B . 1.41 18.71 -13.66
N7 ADP B . 1.10 17.40 -13.87
C5 ADP B . 0.01 17.37 -14.67
C6 ADP B . -0.83 16.32 -15.29
N6 ADP B . -0.57 15.01 -15.09
N1 ADP B . -1.86 16.71 -16.06
C2 ADP B . -2.13 18.01 -16.27
N3 ADP B . -1.41 19.02 -15.75
C4 ADP B . -0.34 18.77 -14.95
AL ALF C . 8.50 17.91 -7.78
F1 ALF C . 7.40 17.47 -6.44
F2 ALF C . 9.60 18.33 -9.11
F3 ALF C . 7.59 16.82 -8.86
F4 ALF C . 9.41 18.97 -6.68
MG MG D . 3.10 17.09 -11.21
#